data_8TV2
#
_entry.id   8TV2
#
_cell.length_a   74.259
_cell.length_b   74.259
_cell.length_c   370.837
_cell.angle_alpha   90.000
_cell.angle_beta   90.000
_cell.angle_gamma   120.000
#
_symmetry.space_group_name_H-M   'P 31 2 1'
#
loop_
_entity.id
_entity.type
_entity.pdbx_description
1 polymer 'S1C variant of Fab_L1 heavy chain'
2 polymer 'S1C variant of Fab_L1 light chain'
3 non-polymer 'CHLORIDE ION'
4 non-polymer 'SODIUM ION'
5 water water
#
loop_
_entity_poly.entity_id
_entity_poly.type
_entity_poly.pdbx_seq_one_letter_code
_entity_poly.pdbx_strand_id
1 'polypeptide(L)'
;EVQLVESGGGLVQPGGSLRLSCAASGFTISSSYIHWVRQAPGKGLEWVASISSYYGSTSYADSVKGRFTISADTSKNTAY
LQMNSLRAEDTAVYYCARSHYSVWWGWHSVSYYAAFDYWGQGTLVTVSSASTKGPSVFPLAPSSKSTSGGTAALGCLVKD
YFPEPVTVSWNSGALTSGVHTFPAVLQSSGLYSLSSVVTVPSSSLGTQTYICNVNHKPSNTKVDKKVEPKSCDKTHT
;
D,A
2 'polypeptide(L)'
;DIQMTQSPSSLSASVGDRVTITCRASQSVSSAVAWYQQKPGKAPKLLIYSASSLYSGVPSRFSGSRSGTDFTLTISSLQP
EDFATYYCQQGSAPFTFGQGTKVEIKRTVAAPSVFIFPPSDEQLKSGTASVVCLLNNFYPREAKVSWYVDNALQSGNSQE
SVTEQDSKDSTYSLSSTLTLSKADYEKHKVYACEVTQGTTSVTKSFNRGEC
;
E,B
#
loop_
_chem_comp.id
_chem_comp.type
_chem_comp.name
_chem_comp.formula
CL non-polymer 'CHLORIDE ION' 'Cl -1'
NA non-polymer 'SODIUM ION' 'Na 1'
#
# COMPACT_ATOMS: atom_id res chain seq x y z
N GLU A 1 -18.35 17.20 14.19
CA GLU A 1 -18.09 17.20 15.64
C GLU A 1 -16.59 17.03 15.89
N VAL A 2 -15.88 16.40 14.96
CA VAL A 2 -14.44 16.15 15.14
C VAL A 2 -13.66 17.43 14.83
N GLN A 3 -12.82 17.85 15.77
CA GLN A 3 -12.08 19.10 15.67
C GLN A 3 -10.68 18.92 16.23
N LEU A 4 -9.74 19.62 15.62
CA LEU A 4 -8.34 19.61 16.00
C LEU A 4 -7.89 21.09 16.10
N VAL A 5 -7.61 21.57 17.31
CA VAL A 5 -7.27 22.97 17.55
C VAL A 5 -5.83 23.08 18.06
N GLU A 6 -5.00 23.85 17.36
CA GLU A 6 -3.59 24.02 17.72
C GLU A 6 -3.37 25.26 18.59
N SER A 7 -2.17 25.34 19.15
CA SER A 7 -1.77 26.43 20.02
C SER A 7 -0.27 26.41 20.16
N GLY A 8 0.28 27.48 20.71
CA GLY A 8 1.68 27.57 21.10
C GLY A 8 2.66 27.97 20.03
N GLY A 9 2.21 28.46 18.88
CA GLY A 9 3.13 28.96 17.89
C GLY A 9 3.63 30.35 18.27
N GLY A 10 4.37 30.96 17.37
CA GLY A 10 4.77 32.32 17.58
C GLY A 10 6.23 32.50 17.27
N LEU A 11 6.75 33.65 17.73
CA LEU A 11 8.12 34.05 17.49
C LEU A 11 9.04 33.37 18.50
N VAL A 12 10.27 33.08 18.07
CA VAL A 12 11.25 32.42 18.92
C VAL A 12 12.65 32.76 18.44
N GLN A 13 13.55 33.06 19.38
CA GLN A 13 14.93 33.37 19.03
C GLN A 13 15.61 32.12 18.46
N PRO A 14 16.55 32.27 17.54
CA PRO A 14 17.23 31.08 16.99
C PRO A 14 17.86 30.28 18.12
N GLY A 15 17.70 28.96 18.05
CA GLY A 15 18.19 28.05 19.08
C GLY A 15 17.27 27.84 20.27
N GLY A 16 16.21 28.65 20.42
CA GLY A 16 15.29 28.52 21.51
C GLY A 16 14.28 27.39 21.30
N SER A 17 13.32 27.33 22.21
CA SER A 17 12.40 26.21 22.26
C SER A 17 10.97 26.69 22.26
N LEU A 18 10.11 25.88 21.66
CA LEU A 18 8.69 26.12 21.62
C LEU A 18 8.00 24.78 21.77
N ARG A 19 6.84 24.80 22.42
CA ARG A 19 6.01 23.62 22.54
C ARG A 19 4.70 23.90 21.84
N LEU A 20 4.32 23.00 20.95
CA LEU A 20 3.09 23.16 20.20
C LEU A 20 2.06 22.20 20.78
N SER A 21 0.82 22.65 20.92
CA SER A 21 -0.25 21.81 21.44
C SER A 21 -1.22 21.45 20.34
N CYS A 22 -1.86 20.29 20.47
CA CYS A 22 -2.88 19.86 19.52
C CYS A 22 -4.00 19.21 20.33
N ALA A 23 -5.07 19.97 20.59
CA ALA A 23 -6.16 19.49 21.44
C ALA A 23 -7.22 18.84 20.55
N ALA A 24 -7.44 17.55 20.74
CA ALA A 24 -8.42 16.83 19.93
C ALA A 24 -9.76 16.83 20.64
N SER A 25 -10.82 16.88 19.84
CA SER A 25 -12.17 16.80 20.38
C SER A 25 -12.97 15.89 19.47
N GLY A 26 -13.90 15.15 20.05
CA GLY A 26 -14.73 14.29 19.23
C GLY A 26 -14.11 12.98 18.81
N PHE A 27 -12.98 12.58 19.39
CA PHE A 27 -12.39 11.26 19.18
C PHE A 27 -11.26 11.09 20.18
N THR A 28 -10.91 9.85 20.56
CA THR A 28 -9.87 9.56 21.53
C THR A 28 -8.53 9.50 20.79
N ILE A 29 -7.47 10.07 21.40
CA ILE A 29 -6.24 10.19 20.62
C ILE A 29 -5.56 8.82 20.60
N SER A 30 -5.85 7.93 21.57
CA SER A 30 -5.18 6.62 21.57
C SER A 30 -5.65 5.77 20.42
N SER A 31 -6.87 5.97 19.93
CA SER A 31 -7.38 5.26 18.76
C SER A 31 -6.75 5.76 17.46
N SER A 32 -5.84 6.72 17.50
CA SER A 32 -5.36 7.32 16.26
C SER A 32 -3.86 7.52 16.32
N TYR A 33 -3.27 7.63 15.14
CA TYR A 33 -1.95 8.19 15.00
C TYR A 33 -2.13 9.69 14.82
N ILE A 34 -1.36 10.47 15.57
CA ILE A 34 -1.34 11.91 15.40
C ILE A 34 -0.02 12.28 14.74
N HIS A 35 -0.07 13.19 13.77
CA HIS A 35 1.14 13.59 13.03
C HIS A 35 1.25 15.10 13.06
N TRP A 36 2.48 15.58 12.84
CA TRP A 36 2.76 16.98 12.56
C TRP A 36 3.30 17.11 11.16
N VAL A 37 2.85 18.15 10.46
CA VAL A 37 3.25 18.45 9.08
C VAL A 37 3.47 19.94 8.99
N ARG A 38 4.62 20.37 8.51
CA ARG A 38 4.88 21.80 8.48
C ARG A 38 4.98 22.27 7.04
N GLN A 39 4.91 23.59 6.88
CA GLN A 39 4.98 24.19 5.55
C GLN A 39 5.75 25.49 5.69
N ALA A 40 6.98 25.52 5.18
CA ALA A 40 7.75 26.76 5.17
C ALA A 40 7.09 27.74 4.21
N PRO A 41 7.15 29.04 4.50
CA PRO A 41 6.37 30.00 3.69
C PRO A 41 6.79 29.97 2.23
N GLY A 42 5.80 29.67 1.37
CA GLY A 42 6.01 29.57 -0.04
C GLY A 42 6.47 28.21 -0.52
N LYS A 43 6.92 27.34 0.38
CA LYS A 43 7.33 25.99 0.00
C LYS A 43 6.18 24.99 0.20
N GLY A 44 6.46 23.71 0.02
CA GLY A 44 5.45 22.67 0.06
C GLY A 44 5.25 22.05 1.42
N LEU A 45 4.66 20.84 1.40
CA LEU A 45 4.30 20.14 2.63
C LEU A 45 5.41 19.17 3.01
N GLU A 46 5.74 19.15 4.29
CA GLU A 46 6.78 18.24 4.79
C GLU A 46 6.26 17.59 6.09
N TRP A 47 6.22 16.26 6.11
CA TRP A 47 5.90 15.51 7.32
C TRP A 47 7.05 15.63 8.32
N VAL A 48 6.71 15.80 9.61
CA VAL A 48 7.71 16.03 10.64
C VAL A 48 7.73 14.90 11.66
N ALA A 49 6.57 14.53 12.22
CA ALA A 49 6.59 13.58 13.33
C ALA A 49 5.25 12.88 13.49
N SER A 50 5.26 11.75 14.20
CA SER A 50 4.02 11.03 14.44
C SER A 50 4.06 10.29 15.77
N ILE A 51 2.89 10.10 16.38
CA ILE A 51 2.77 9.39 17.64
C ILE A 51 1.44 8.65 17.66
N SER A 52 1.44 7.46 18.28
CA SER A 52 0.23 6.77 18.74
C SER A 52 0.38 6.53 20.25
N SER A 53 -0.45 7.21 21.05
CA SER A 53 -0.35 7.06 22.49
C SER A 53 -0.60 5.62 22.93
N TYR A 54 -1.43 4.89 22.19
CA TYR A 54 -1.74 3.51 22.58
C TYR A 54 -0.51 2.63 22.47
N TYR A 55 0.19 2.66 21.34
CA TYR A 55 1.37 1.81 21.15
C TYR A 55 2.61 2.36 21.83
N GLY A 56 2.60 3.62 22.24
CA GLY A 56 3.81 4.24 22.73
C GLY A 56 4.87 4.39 21.66
N SER A 57 4.47 4.55 20.40
CA SER A 57 5.39 4.54 19.28
C SER A 57 5.49 5.95 18.74
N THR A 58 6.71 6.45 18.61
CA THR A 58 6.94 7.76 18.01
C THR A 58 7.92 7.61 16.86
N SER A 59 7.78 8.51 15.89
CA SER A 59 8.55 8.46 14.67
C SER A 59 8.81 9.87 14.25
N TYR A 60 9.99 10.13 13.70
CA TYR A 60 10.42 11.49 13.38
C TYR A 60 10.98 11.60 11.98
N ALA A 61 10.61 12.67 11.29
CA ALA A 61 11.24 12.97 10.03
C ALA A 61 12.72 13.14 10.28
N ASP A 62 13.58 12.49 9.50
CA ASP A 62 15.03 12.55 9.83
C ASP A 62 15.48 13.99 10.03
N SER A 63 14.88 14.91 9.27
CA SER A 63 15.25 16.32 9.30
C SER A 63 15.15 16.97 10.68
N VAL A 64 14.58 16.29 11.67
CA VAL A 64 14.34 16.89 12.98
C VAL A 64 14.80 15.98 14.11
N LYS A 65 15.23 14.76 13.80
CA LYS A 65 15.52 13.74 14.80
C LYS A 65 16.40 14.31 15.91
N GLY A 66 16.08 13.96 17.15
CA GLY A 66 16.82 14.44 18.30
C GLY A 66 16.41 15.82 18.84
N ARG A 67 16.02 16.74 17.97
CA ARG A 67 15.67 18.08 18.41
C ARG A 67 14.19 18.21 18.73
N PHE A 68 13.36 17.41 18.10
CA PHE A 68 11.92 17.48 18.28
C PHE A 68 11.51 16.30 19.15
N THR A 69 10.50 16.50 19.97
CA THR A 69 9.97 15.42 20.79
C THR A 69 8.46 15.55 20.75
N ILE A 70 7.79 14.50 20.26
CA ILE A 70 6.35 14.55 20.09
C ILE A 70 5.77 13.63 21.15
N SER A 71 4.78 14.13 21.89
CA SER A 71 4.22 13.39 23.01
C SER A 71 2.72 13.63 23.08
N ALA A 72 2.07 12.96 24.01
CA ALA A 72 0.62 13.05 24.15
C ALA A 72 0.22 12.87 25.60
N ASP A 73 -0.95 13.43 25.95
CA ASP A 73 -1.51 13.26 27.31
C ASP A 73 -2.96 12.80 27.16
N THR A 74 -3.23 11.53 27.45
CA THR A 74 -4.59 10.96 27.24
C THR A 74 -5.60 11.71 28.11
N SER A 75 -5.28 11.93 29.37
CA SER A 75 -6.19 12.63 30.30
C SER A 75 -6.70 13.90 29.63
N LYS A 76 -5.82 14.58 28.90
CA LYS A 76 -6.15 15.84 28.24
C LYS A 76 -6.56 15.67 26.78
N ASN A 77 -6.53 14.44 26.24
CA ASN A 77 -6.88 14.18 24.84
C ASN A 77 -6.16 15.17 23.92
N THR A 78 -4.86 15.32 24.14
CA THR A 78 -4.06 16.37 23.50
C THR A 78 -2.69 15.80 23.11
N ALA A 79 -2.17 16.28 21.99
CA ALA A 79 -0.83 15.93 21.57
C ALA A 79 0.07 17.17 21.57
N TYR A 80 1.36 16.95 21.80
CA TYR A 80 2.32 18.04 21.87
C TYR A 80 3.50 17.77 20.94
N LEU A 81 4.10 18.84 20.42
CA LEU A 81 5.36 18.70 19.71
C LEU A 81 6.28 19.74 20.31
N GLN A 82 7.23 19.29 21.11
CA GLN A 82 8.20 20.16 21.73
C GLN A 82 9.39 20.29 20.79
N MET A 83 9.77 21.53 20.50
CA MET A 83 10.83 21.83 19.55
C MET A 83 11.98 22.50 20.29
N ASN A 84 13.17 21.92 20.19
CA ASN A 84 14.38 22.49 20.77
C ASN A 84 15.38 22.83 19.66
N SER A 85 16.25 23.80 19.95
CA SER A 85 17.31 24.21 19.04
C SER A 85 16.79 24.55 17.66
N LEU A 86 15.83 25.49 17.61
CA LEU A 86 15.23 25.87 16.33
C LEU A 86 16.22 26.65 15.46
N ARG A 87 16.14 26.43 14.16
CA ARG A 87 16.96 27.09 13.16
C ARG A 87 16.05 27.85 12.22
N ALA A 88 16.63 28.64 11.31
CA ALA A 88 15.80 29.38 10.37
C ALA A 88 15.05 28.44 9.44
N GLU A 89 15.68 27.31 9.08
CA GLU A 89 15.00 26.31 8.25
C GLU A 89 13.76 25.77 8.93
N ASP A 90 13.64 25.95 10.26
CA ASP A 90 12.47 25.49 10.99
C ASP A 90 11.29 26.46 10.95
N THR A 91 11.47 27.67 10.46
CA THR A 91 10.35 28.60 10.35
C THR A 91 9.32 28.09 9.35
N ALA A 92 8.06 28.00 9.78
CA ALA A 92 7.01 27.37 8.99
C ALA A 92 5.68 27.45 9.73
N VAL A 93 4.61 27.17 9.00
CA VAL A 93 3.31 26.93 9.60
C VAL A 93 3.25 25.44 9.91
N TYR A 94 3.06 25.10 11.19
CA TYR A 94 3.02 23.72 11.62
C TYR A 94 1.57 23.26 11.79
N TYR A 95 1.25 22.09 11.26
CA TYR A 95 -0.10 21.55 11.35
C TYR A 95 -0.08 20.23 12.11
N CYS A 96 -1.08 19.98 12.94
CA CYS A 96 -1.29 18.61 13.38
C CYS A 96 -2.42 18.00 12.56
N ALA A 97 -2.40 16.66 12.48
CA ALA A 97 -3.35 15.95 11.64
C ALA A 97 -3.59 14.56 12.23
N ARG A 98 -4.76 14.02 11.93
CA ARG A 98 -5.09 12.68 12.37
C ARG A 98 -4.99 11.78 11.16
N SER A 99 -4.34 10.62 11.32
CA SER A 99 -4.40 9.68 10.23
C SER A 99 -5.76 9.05 10.18
N HIS A 100 -6.25 8.87 8.97
CA HIS A 100 -7.56 8.33 8.76
C HIS A 100 -7.62 6.83 9.13
N TYR A 101 -6.50 6.11 9.02
CA TYR A 101 -6.51 4.68 9.38
C TYR A 101 -6.26 4.54 10.87
N SER A 102 -7.31 4.22 11.63
CA SER A 102 -7.20 4.11 13.07
C SER A 102 -6.36 2.90 13.47
N VAL A 103 -5.88 2.91 14.71
CA VAL A 103 -5.18 1.72 15.20
C VAL A 103 -6.31 0.73 15.51
N TRP A 104 -6.71 0.00 14.48
CA TRP A 104 -7.95 -0.74 14.59
C TRP A 104 -7.76 -2.00 15.42
N TRP A 105 -6.73 -2.77 15.12
CA TRP A 105 -6.44 -3.99 15.86
C TRP A 105 -5.61 -3.69 17.09
N GLY A 106 -5.89 -4.43 18.18
CA GLY A 106 -5.12 -4.28 19.39
C GLY A 106 -3.86 -5.11 19.44
N TRP A 107 -3.54 -5.79 18.34
CA TRP A 107 -2.28 -6.53 18.18
C TRP A 107 -1.14 -5.55 17.87
N HIS A 108 0.07 -5.88 18.35
CA HIS A 108 1.16 -4.90 18.31
C HIS A 108 1.97 -4.87 17.01
N SER A 109 2.19 -6.01 16.34
CA SER A 109 3.08 -5.99 15.16
C SER A 109 2.23 -5.71 13.91
N VAL A 110 1.86 -4.44 13.74
CA VAL A 110 0.98 -4.01 12.66
C VAL A 110 1.40 -2.60 12.24
N SER A 111 1.95 -2.48 11.02
CA SER A 111 2.23 -1.19 10.39
C SER A 111 0.98 -0.65 9.68
N TYR A 112 0.64 0.62 9.96
CA TYR A 112 -0.51 1.29 9.36
C TYR A 112 -0.08 2.33 8.33
N TYR A 113 -0.79 2.39 7.20
CA TYR A 113 -0.54 3.44 6.20
C TYR A 113 -1.16 4.77 6.65
N ALA A 114 -0.59 5.89 6.22
CA ALA A 114 -1.00 7.21 6.67
C ALA A 114 -1.70 8.03 5.58
N ALA A 115 -2.91 8.51 5.88
CA ALA A 115 -3.63 9.51 5.08
C ALA A 115 -4.30 10.45 6.06
N PHE A 116 -4.14 11.76 5.89
CA PHE A 116 -4.52 12.74 6.90
C PHE A 116 -5.90 13.34 6.61
N ASP A 117 -6.88 13.01 7.47
CA ASP A 117 -8.25 13.41 7.21
C ASP A 117 -8.72 14.62 8.00
N TYR A 118 -8.24 14.80 9.22
CA TYR A 118 -8.62 15.92 10.05
C TYR A 118 -7.36 16.68 10.38
N TRP A 119 -7.44 17.99 10.21
CA TRP A 119 -6.28 18.84 10.31
C TRP A 119 -6.52 19.92 11.35
N GLY A 120 -5.44 20.40 11.94
CA GLY A 120 -5.54 21.58 12.77
C GLY A 120 -5.58 22.81 11.89
N GLN A 121 -5.76 23.97 12.53
CA GLN A 121 -5.85 25.21 11.78
C GLN A 121 -4.49 25.70 11.30
N GLY A 122 -3.40 25.22 11.88
CA GLY A 122 -2.09 25.70 11.53
C GLY A 122 -1.66 26.87 12.40
N THR A 123 -0.45 26.79 12.94
CA THR A 123 0.12 27.85 13.74
C THR A 123 1.51 28.18 13.19
N LEU A 124 1.85 29.45 13.18
CA LEU A 124 3.07 29.91 12.56
C LEU A 124 4.17 29.87 13.59
N VAL A 125 5.31 29.30 13.23
CA VAL A 125 6.49 29.31 14.10
C VAL A 125 7.57 30.08 13.35
N THR A 126 8.01 31.18 13.93
CA THR A 126 8.96 32.09 13.29
C THR A 126 10.25 32.14 14.08
N VAL A 127 11.36 31.90 13.42
CA VAL A 127 12.64 31.75 14.08
C VAL A 127 13.51 32.92 13.63
N SER A 128 13.46 34.02 14.37
CA SER A 128 14.28 35.19 14.11
C SER A 128 14.61 35.85 15.45
N SER A 129 15.66 36.68 15.44
CA SER A 129 16.00 37.48 16.61
C SER A 129 15.42 38.90 16.55
N ALA A 130 14.61 39.21 15.54
CA ALA A 130 13.97 40.50 15.48
C ALA A 130 12.95 40.65 16.60
N SER A 131 12.66 41.89 16.95
CA SER A 131 11.75 42.17 18.04
C SER A 131 10.31 42.24 17.53
N THR A 132 9.36 41.91 18.40
CA THR A 132 7.96 42.10 18.06
C THR A 132 7.64 43.60 17.97
N LYS A 133 7.02 43.98 16.87
CA LYS A 133 6.57 45.35 16.67
C LYS A 133 5.12 45.31 16.17
N GLY A 134 4.27 46.11 16.80
CA GLY A 134 2.90 46.22 16.41
C GLY A 134 2.71 47.12 15.20
N PRO A 135 1.56 46.98 14.54
CA PRO A 135 1.34 47.71 13.29
C PRO A 135 0.83 49.11 13.52
N SER A 136 1.30 50.03 12.71
CA SER A 136 0.59 51.28 12.58
C SER A 136 -0.51 51.07 11.54
N VAL A 137 -1.64 51.74 11.77
CA VAL A 137 -2.84 51.57 10.96
C VAL A 137 -3.29 52.94 10.46
N PHE A 138 -3.35 53.12 9.14
CA PHE A 138 -3.70 54.41 8.54
C PHE A 138 -4.92 54.31 7.62
N PRO A 139 -5.77 55.32 7.57
CA PRO A 139 -6.91 55.26 6.63
C PRO A 139 -6.48 55.34 5.18
N LEU A 140 -7.29 54.71 4.34
CA LEU A 140 -7.21 54.83 2.89
C LEU A 140 -8.52 55.52 2.52
N ALA A 141 -8.47 56.86 2.45
CA ALA A 141 -9.73 57.59 2.38
C ALA A 141 -10.23 57.64 0.95
N PRO A 142 -11.52 57.44 0.74
CA PRO A 142 -12.07 57.57 -0.60
C PRO A 142 -12.17 59.01 -1.00
N SER A 143 -12.50 59.21 -2.27
CA SER A 143 -12.92 60.51 -2.74
C SER A 143 -14.24 60.29 -3.45
N SER A 144 -15.21 61.16 -3.14
CA SER A 144 -16.41 61.24 -3.97
C SER A 144 -16.06 61.67 -5.38
N LYS A 145 -14.91 62.33 -5.53
CA LYS A 145 -14.39 62.81 -6.80
C LYS A 145 -13.56 61.75 -7.52
N SER A 146 -13.37 60.58 -6.94
CA SER A 146 -12.67 59.52 -7.64
C SER A 146 -13.49 58.25 -7.53
N THR A 147 -14.47 58.13 -8.41
CA THR A 147 -15.38 56.98 -8.50
C THR A 147 -14.91 56.09 -9.63
N SER A 148 -14.70 54.79 -9.35
CA SER A 148 -14.35 53.97 -10.51
C SER A 148 -15.48 53.20 -11.16
N GLY A 149 -16.10 52.26 -10.45
CA GLY A 149 -17.07 51.41 -11.13
C GLY A 149 -18.52 51.69 -10.73
N GLY A 150 -18.90 52.99 -10.72
CA GLY A 150 -20.15 53.41 -10.14
C GLY A 150 -20.11 53.44 -8.62
N THR A 151 -19.13 52.75 -8.03
CA THR A 151 -18.89 52.53 -6.61
C THR A 151 -17.63 53.25 -6.12
N ALA A 152 -17.47 53.32 -4.81
CA ALA A 152 -16.29 53.92 -4.23
C ALA A 152 -15.53 52.85 -3.49
N ALA A 153 -14.28 53.16 -3.17
CA ALA A 153 -13.41 52.25 -2.45
C ALA A 153 -12.82 52.98 -1.25
N LEU A 154 -12.61 52.23 -0.18
CA LEU A 154 -11.91 52.76 0.99
C LEU A 154 -11.16 51.61 1.62
N GLY A 155 -10.23 51.94 2.52
CA GLY A 155 -9.37 50.89 3.01
C GLY A 155 -8.70 51.25 4.33
N CYS A 156 -7.84 50.36 4.77
CA CYS A 156 -6.93 50.56 5.89
C CYS A 156 -5.56 50.08 5.47
N LEU A 157 -4.54 50.90 5.69
CA LEU A 157 -3.15 50.47 5.46
C LEU A 157 -2.56 50.05 6.80
N VAL A 158 -2.13 48.78 6.89
CA VAL A 158 -1.60 48.18 8.11
C VAL A 158 -0.09 47.98 7.91
N LYS A 159 0.71 48.84 8.57
CA LYS A 159 2.09 49.04 8.15
C LYS A 159 3.08 48.80 9.29
N ASP A 160 4.23 48.25 8.94
CA ASP A 160 5.42 48.12 9.80
C ASP A 160 5.09 47.30 11.07
N TYR A 161 4.81 46.01 10.86
CA TYR A 161 4.57 45.09 11.97
C TYR A 161 5.34 43.80 11.76
N PHE A 162 5.60 43.11 12.88
CA PHE A 162 6.36 41.86 12.91
C PHE A 162 6.17 41.17 14.24
N PRO A 163 5.95 39.85 14.26
CA PRO A 163 5.88 38.96 13.10
C PRO A 163 4.48 38.97 12.58
N GLU A 164 4.21 38.24 11.51
CA GLU A 164 2.86 37.96 11.11
C GLU A 164 2.26 36.91 12.06
N PRO A 165 0.92 36.79 12.21
CA PRO A 165 -0.06 37.40 11.32
C PRO A 165 -0.87 38.60 11.83
N VAL A 166 -1.61 39.23 10.93
CA VAL A 166 -2.51 40.36 11.31
C VAL A 166 -3.89 40.02 10.76
N THR A 167 -4.90 40.13 11.61
N THR A 167 -4.92 40.17 11.65
CA THR A 167 -6.29 39.89 11.15
CA THR A 167 -6.31 39.91 11.21
C THR A 167 -6.99 41.23 10.98
C THR A 167 -7.02 41.24 10.99
N VAL A 168 -7.63 41.42 9.81
CA VAL A 168 -8.39 42.64 9.59
C VAL A 168 -9.86 42.30 9.49
N SER A 169 -10.70 43.20 9.96
CA SER A 169 -12.14 42.99 9.98
C SER A 169 -12.80 44.36 9.79
N TRP A 170 -14.02 44.42 9.28
CA TRP A 170 -14.64 45.72 9.01
C TRP A 170 -15.96 45.89 9.74
N ASN A 171 -16.10 47.03 10.40
CA ASN A 171 -17.26 47.34 11.21
C ASN A 171 -17.58 46.18 12.16
N SER A 172 -16.53 45.74 12.89
CA SER A 172 -16.64 44.67 13.89
C SER A 172 -17.26 43.41 13.32
N GLY A 173 -16.85 43.05 12.10
CA GLY A 173 -17.33 41.86 11.43
C GLY A 173 -18.67 42.02 10.74
N ALA A 174 -19.31 43.19 10.85
CA ALA A 174 -20.62 43.39 10.23
C ALA A 174 -20.57 43.73 8.74
N LEU A 175 -19.40 43.94 8.15
CA LEU A 175 -19.29 44.23 6.72
C LEU A 175 -18.33 43.22 6.10
N THR A 176 -18.83 42.42 5.15
CA THR A 176 -17.97 41.43 4.50
C THR A 176 -18.01 41.50 2.97
N SER A 177 -19.08 42.04 2.37
CA SER A 177 -19.18 42.14 0.92
C SER A 177 -18.30 43.27 0.40
N GLY A 178 -17.46 42.94 -0.57
CA GLY A 178 -16.59 43.91 -1.18
C GLY A 178 -15.21 43.92 -0.58
N VAL A 179 -14.99 43.19 0.54
CA VAL A 179 -13.72 43.28 1.24
C VAL A 179 -12.69 42.40 0.56
N HIS A 180 -11.48 42.95 0.37
CA HIS A 180 -10.27 42.25 -0.07
C HIS A 180 -9.20 42.64 0.94
N THR A 181 -8.67 41.70 1.69
CA THR A 181 -7.46 41.95 2.46
C THR A 181 -6.25 41.38 1.73
N PHE A 182 -5.22 42.17 1.59
CA PHE A 182 -4.18 41.66 0.71
C PHE A 182 -3.19 40.77 1.46
N PRO A 183 -2.54 39.85 0.76
CA PRO A 183 -1.42 39.13 1.36
C PRO A 183 -0.39 40.14 1.82
N ALA A 184 0.27 39.83 2.93
CA ALA A 184 1.24 40.74 3.50
C ALA A 184 2.49 40.77 2.63
N VAL A 185 3.22 41.88 2.69
CA VAL A 185 4.45 42.00 1.91
C VAL A 185 5.55 42.44 2.86
N LEU A 186 6.75 41.96 2.62
CA LEU A 186 7.84 42.18 3.55
C LEU A 186 8.71 43.35 3.09
N GLN A 187 8.70 44.43 3.87
CA GLN A 187 9.39 45.63 3.44
C GLN A 187 10.90 45.44 3.54
N SER A 188 11.62 46.38 2.91
CA SER A 188 13.07 46.39 3.00
C SER A 188 13.53 46.55 4.45
N SER A 189 12.72 47.21 5.28
CA SER A 189 13.09 47.38 6.68
C SER A 189 13.14 46.06 7.43
N GLY A 190 12.61 45.00 6.85
CA GLY A 190 12.37 43.78 7.57
C GLY A 190 11.02 43.72 8.26
N LEU A 191 10.22 44.79 8.20
CA LEU A 191 8.89 44.80 8.75
C LEU A 191 7.88 44.49 7.66
N TYR A 192 6.70 44.01 8.09
CA TYR A 192 5.66 43.62 7.17
C TYR A 192 4.67 44.74 6.98
N SER A 193 3.90 44.63 5.92
CA SER A 193 2.89 45.64 5.63
C SER A 193 1.86 44.98 4.75
N LEU A 194 0.60 45.34 4.97
CA LEU A 194 -0.48 44.97 4.07
C LEU A 194 -1.55 46.03 4.14
N SER A 195 -2.54 45.90 3.29
CA SER A 195 -3.66 46.81 3.32
C SER A 195 -4.93 46.00 3.13
N SER A 196 -6.06 46.52 3.62
CA SER A 196 -7.35 45.87 3.40
C SER A 196 -8.33 46.90 2.84
N VAL A 197 -9.02 46.52 1.75
CA VAL A 197 -9.93 47.47 1.04
C VAL A 197 -11.35 46.91 1.00
N VAL A 198 -12.33 47.78 0.77
CA VAL A 198 -13.75 47.35 0.65
C VAL A 198 -14.45 48.28 -0.35
N THR A 199 -15.23 47.71 -1.27
CA THR A 199 -15.99 48.51 -2.24
C THR A 199 -17.37 48.79 -1.66
N VAL A 200 -17.88 49.99 -1.85
CA VAL A 200 -19.13 50.42 -1.22
C VAL A 200 -19.90 51.24 -2.24
N PRO A 201 -21.21 51.34 -2.08
CA PRO A 201 -22.01 52.16 -2.99
C PRO A 201 -21.47 53.60 -2.99
N SER A 202 -21.38 54.18 -4.19
CA SER A 202 -20.83 55.52 -4.27
C SER A 202 -21.63 56.51 -3.42
N SER A 203 -22.93 56.30 -3.28
CA SER A 203 -23.79 57.18 -2.50
C SER A 203 -23.45 57.14 -1.00
N SER A 204 -23.09 55.97 -0.47
CA SER A 204 -23.00 55.78 0.98
C SER A 204 -21.78 56.43 1.61
N LEU A 205 -20.93 57.11 0.83
CA LEU A 205 -19.64 57.61 1.32
C LEU A 205 -19.78 58.44 2.59
N GLY A 206 -20.56 59.52 2.53
CA GLY A 206 -20.71 60.38 3.70
C GLY A 206 -21.71 59.90 4.72
N THR A 207 -22.62 59.01 4.31
CA THR A 207 -23.76 58.57 5.11
C THR A 207 -23.40 57.40 6.03
N GLN A 208 -22.56 56.51 5.57
CA GLN A 208 -22.23 55.29 6.29
C GLN A 208 -20.89 55.42 7.00
N THR A 209 -20.71 54.62 8.05
CA THR A 209 -19.48 54.63 8.84
C THR A 209 -18.70 53.35 8.57
N TYR A 210 -17.40 53.48 8.32
CA TYR A 210 -16.57 52.32 8.06
C TYR A 210 -15.40 52.32 9.06
N ILE A 211 -15.37 51.34 9.94
CA ILE A 211 -14.29 51.17 10.92
C ILE A 211 -13.61 49.86 10.63
N CYS A 212 -12.30 49.90 10.41
CA CYS A 212 -11.54 48.66 10.28
C CYS A 212 -10.94 48.25 11.61
N ASN A 213 -10.94 46.95 11.88
CA ASN A 213 -10.48 46.41 13.15
C ASN A 213 -9.28 45.53 12.85
N VAL A 214 -8.11 45.94 13.32
CA VAL A 214 -6.85 45.26 13.04
C VAL A 214 -6.41 44.56 14.29
N ASN A 215 -6.13 43.27 14.17
CA ASN A 215 -5.67 42.47 15.28
C ASN A 215 -4.29 41.91 14.96
N HIS A 216 -3.34 42.13 15.86
CA HIS A 216 -2.01 41.56 15.75
C HIS A 216 -1.83 40.70 17.01
N LYS A 217 -2.29 39.46 16.95
CA LYS A 217 -2.14 38.59 18.11
C LYS A 217 -0.68 38.40 18.56
N PRO A 218 0.33 38.37 17.67
CA PRO A 218 1.72 38.25 18.16
C PRO A 218 2.15 39.33 19.14
N SER A 219 1.56 40.53 19.07
CA SER A 219 1.91 41.60 20.01
C SER A 219 0.75 41.94 20.93
N ASN A 220 -0.30 41.12 20.92
CA ASN A 220 -1.47 41.26 21.80
C ASN A 220 -2.13 42.62 21.70
N THR A 221 -2.20 43.14 20.49
CA THR A 221 -2.66 44.50 20.19
C THR A 221 -3.78 44.46 19.17
N LYS A 222 -4.88 45.16 19.47
CA LYS A 222 -6.02 45.28 18.56
C LYS A 222 -6.34 46.75 18.32
N VAL A 223 -6.33 47.20 17.06
CA VAL A 223 -6.57 48.61 16.75
C VAL A 223 -7.84 48.75 15.91
N ASP A 224 -8.70 49.70 16.29
CA ASP A 224 -9.91 50.05 15.54
C ASP A 224 -9.75 51.47 15.00
N LYS A 225 -9.87 51.64 13.69
CA LYS A 225 -9.71 52.96 13.07
C LYS A 225 -10.92 53.31 12.20
N LYS A 226 -11.55 54.45 12.49
CA LYS A 226 -12.62 54.98 11.66
C LYS A 226 -12.04 55.53 10.37
N VAL A 227 -12.68 55.21 9.24
CA VAL A 227 -12.27 55.69 7.92
C VAL A 227 -13.30 56.69 7.41
N GLU A 228 -12.85 57.91 7.14
CA GLU A 228 -13.76 58.95 6.65
C GLU A 228 -13.20 59.58 5.38
N PRO A 229 -14.05 60.25 4.54
CA PRO A 229 -13.53 61.01 3.42
C PRO A 229 -12.69 62.14 4.03
N LYS A 230 -11.59 62.51 3.36
CA LYS A 230 -10.67 63.52 3.93
C LYS A 230 -11.47 64.69 4.51
N SER A 231 -12.35 65.30 3.72
CA SER A 231 -13.15 66.47 4.18
C SER A 231 -12.19 67.52 4.73
N CYS A 232 -11.01 67.63 4.12
CA CYS A 232 -9.97 68.60 4.55
C CYS A 232 -9.77 68.46 6.06
N ILE B 2 12.83 7.00 -1.24
CA ILE B 2 11.52 6.87 -1.88
C ILE B 2 10.85 8.24 -2.07
N GLN B 3 11.05 8.81 -3.26
CA GLN B 3 10.61 10.16 -3.60
C GLN B 3 9.34 10.16 -4.46
N MET B 4 8.68 11.33 -4.52
CA MET B 4 7.41 11.54 -5.22
C MET B 4 7.54 12.76 -6.14
N THR B 5 7.75 12.53 -7.43
CA THR B 5 7.80 13.62 -8.41
C THR B 5 6.39 13.95 -8.89
N GLN B 6 5.97 15.20 -8.70
CA GLN B 6 4.65 15.66 -9.13
C GLN B 6 4.74 16.49 -10.41
N SER B 7 3.72 16.35 -11.26
CA SER B 7 3.67 16.98 -12.59
C SER B 7 2.28 17.27 -13.14
N PRO B 8 2.04 18.47 -13.73
CA PRO B 8 2.96 19.61 -13.89
C PRO B 8 3.08 20.37 -12.58
N SER B 9 3.94 21.39 -12.53
CA SER B 9 4.00 22.21 -11.33
C SER B 9 2.85 23.21 -11.26
N SER B 10 2.48 23.80 -12.40
CA SER B 10 1.32 24.68 -12.43
C SER B 10 0.60 24.48 -13.75
N LEU B 11 -0.70 24.75 -13.74
CA LEU B 11 -1.51 24.73 -14.95
C LEU B 11 -2.69 25.68 -14.80
N SER B 12 -3.12 26.23 -15.93
CA SER B 12 -4.33 27.04 -16.03
C SER B 12 -5.32 26.29 -16.89
N ALA B 13 -6.57 26.21 -16.44
CA ALA B 13 -7.58 25.58 -17.28
C ALA B 13 -8.92 26.23 -17.02
N SER B 14 -9.83 26.09 -17.98
CA SER B 14 -11.07 26.83 -17.98
C SER B 14 -12.12 26.03 -17.23
N VAL B 15 -13.22 26.69 -16.86
CA VAL B 15 -14.25 25.99 -16.10
C VAL B 15 -14.78 24.81 -16.91
N GLY B 16 -14.79 23.63 -16.28
CA GLY B 16 -15.29 22.46 -16.98
C GLY B 16 -14.24 21.68 -17.75
N ASP B 17 -13.01 22.18 -17.86
CA ASP B 17 -11.95 21.45 -18.53
C ASP B 17 -11.56 20.22 -17.71
N ARG B 18 -10.95 19.24 -18.38
CA ARG B 18 -10.47 18.02 -17.72
C ARG B 18 -9.03 18.23 -17.29
N VAL B 19 -8.79 18.11 -16.00
CA VAL B 19 -7.48 18.37 -15.41
C VAL B 19 -6.91 17.06 -14.89
N THR B 20 -5.65 16.80 -15.23
CA THR B 20 -4.99 15.59 -14.77
C THR B 20 -3.63 15.94 -14.16
N ILE B 21 -3.51 15.71 -12.85
CA ILE B 21 -2.23 15.77 -12.14
C ILE B 21 -1.69 14.35 -11.99
N THR B 22 -0.37 14.18 -12.21
CA THR B 22 0.33 12.91 -12.15
C THR B 22 1.44 12.95 -11.10
N CYS B 23 1.62 11.84 -10.37
CA CYS B 23 2.67 11.69 -9.36
C CYS B 23 3.52 10.48 -9.68
N ARG B 24 4.86 10.61 -9.59
CA ARG B 24 5.77 9.51 -9.95
C ARG B 24 6.53 9.04 -8.70
N ALA B 25 6.19 7.84 -8.21
CA ALA B 25 6.92 7.20 -7.12
C ALA B 25 8.25 6.63 -7.63
N SER B 26 9.31 6.81 -6.84
CA SER B 26 10.62 6.30 -7.26
C SER B 26 10.70 4.77 -7.13
N GLN B 27 10.10 4.21 -6.07
CA GLN B 27 9.95 2.76 -5.86
C GLN B 27 8.46 2.45 -5.76
N SER B 28 8.15 1.22 -5.35
CA SER B 28 6.78 0.73 -5.27
C SER B 28 6.17 1.05 -3.91
N VAL B 29 5.09 1.84 -3.91
CA VAL B 29 4.49 2.33 -2.67
C VAL B 29 3.13 1.68 -2.47
N SER B 30 2.96 0.46 -2.97
CA SER B 30 1.67 -0.29 -2.96
C SER B 30 0.63 0.59 -3.65
N SER B 31 -0.57 0.71 -3.12
CA SER B 31 -1.50 1.71 -3.62
C SER B 31 -1.77 2.78 -2.56
N ALA B 32 -0.89 2.90 -1.57
CA ALA B 32 -1.05 3.85 -0.46
C ALA B 32 -0.53 5.22 -0.89
N VAL B 33 -1.37 5.94 -1.64
CA VAL B 33 -1.06 7.30 -2.09
C VAL B 33 -2.29 8.17 -1.87
N ALA B 34 -2.10 9.37 -1.32
CA ALA B 34 -3.20 10.28 -1.03
C ALA B 34 -3.06 11.59 -1.82
N TRP B 35 -4.21 12.24 -2.03
CA TRP B 35 -4.34 13.50 -2.74
C TRP B 35 -5.04 14.53 -1.86
N TYR B 36 -4.53 15.78 -1.87
CA TYR B 36 -5.05 16.87 -1.05
C TYR B 36 -5.25 18.13 -1.89
N GLN B 37 -6.26 18.92 -1.52
CA GLN B 37 -6.49 20.24 -2.10
C GLN B 37 -6.18 21.28 -1.04
N GLN B 38 -5.28 22.21 -1.35
CA GLN B 38 -4.96 23.26 -0.40
C GLN B 38 -5.24 24.65 -0.97
N LYS B 39 -6.18 25.39 -0.30
CA LYS B 39 -6.36 26.81 -0.57
C LYS B 39 -5.28 27.60 0.21
N PRO B 40 -4.89 28.77 -0.28
CA PRO B 40 -3.70 29.45 0.29
C PRO B 40 -3.81 29.67 1.78
N GLY B 41 -2.79 29.23 2.51
CA GLY B 41 -2.73 29.46 3.94
C GLY B 41 -3.79 28.73 4.72
N LYS B 42 -4.36 27.67 4.17
CA LYS B 42 -5.40 26.95 4.88
C LYS B 42 -4.90 25.54 5.10
N ALA B 43 -5.57 24.83 5.95
CA ALA B 43 -5.02 23.50 6.09
C ALA B 43 -5.47 22.70 4.89
N PRO B 44 -4.63 21.74 4.44
CA PRO B 44 -5.02 20.89 3.32
C PRO B 44 -6.25 20.07 3.67
N LYS B 45 -7.02 19.76 2.64
CA LYS B 45 -8.20 18.93 2.73
C LYS B 45 -7.88 17.64 1.99
N LEU B 46 -8.21 16.51 2.60
CA LEU B 46 -8.03 15.21 1.98
C LEU B 46 -9.07 14.97 0.91
N LEU B 47 -8.64 14.53 -0.27
CA LEU B 47 -9.51 14.20 -1.41
C LEU B 47 -9.58 12.71 -1.71
N ILE B 48 -8.43 12.05 -1.85
CA ILE B 48 -8.32 10.65 -2.24
C ILE B 48 -7.33 9.98 -1.29
N TYR B 49 -7.68 8.79 -0.82
CA TYR B 49 -6.75 7.92 -0.12
C TYR B 49 -6.85 6.52 -0.75
N SER B 50 -5.83 5.68 -0.49
CA SER B 50 -5.70 4.39 -1.16
C SER B 50 -5.73 4.56 -2.68
N ALA B 51 -5.21 5.69 -3.15
CA ALA B 51 -4.95 6.00 -4.55
C ALA B 51 -6.21 6.19 -5.39
N SER B 52 -7.35 5.69 -4.90
CA SER B 52 -8.57 5.57 -5.69
C SER B 52 -9.87 5.88 -4.94
N SER B 53 -9.86 6.00 -3.62
CA SER B 53 -11.07 6.09 -2.81
C SER B 53 -11.39 7.54 -2.53
N LEU B 54 -12.61 7.93 -2.86
CA LEU B 54 -13.07 9.30 -2.67
C LEU B 54 -13.43 9.52 -1.21
N TYR B 55 -12.72 10.44 -0.56
CA TYR B 55 -13.03 10.78 0.83
C TYR B 55 -14.46 11.29 0.95
N SER B 56 -15.15 10.93 2.03
CA SER B 56 -16.52 11.36 2.21
C SER B 56 -16.57 12.89 2.25
N GLY B 57 -17.57 13.44 1.57
CA GLY B 57 -17.75 14.87 1.46
C GLY B 57 -17.13 15.45 0.22
N VAL B 58 -16.19 14.75 -0.40
CA VAL B 58 -15.45 15.28 -1.54
C VAL B 58 -16.32 15.16 -2.79
N PRO B 59 -16.52 16.23 -3.57
CA PRO B 59 -17.39 16.16 -4.75
C PRO B 59 -16.98 15.06 -5.72
N SER B 60 -17.95 14.52 -6.45
CA SER B 60 -17.69 13.40 -7.37
C SER B 60 -16.81 13.80 -8.55
N ARG B 61 -16.60 15.09 -8.78
CA ARG B 61 -15.79 15.50 -9.93
C ARG B 61 -14.32 15.09 -9.79
N PHE B 62 -13.90 14.68 -8.59
CA PHE B 62 -12.54 14.25 -8.29
C PHE B 62 -12.44 12.73 -8.33
N SER B 63 -11.34 12.23 -8.88
CA SER B 63 -11.07 10.80 -8.90
C SER B 63 -9.56 10.59 -8.89
N GLY B 64 -9.16 9.41 -8.41
CA GLY B 64 -7.76 9.01 -8.38
C GLY B 64 -7.57 7.71 -9.13
N SER B 65 -6.37 7.51 -9.67
CA SER B 65 -6.08 6.24 -10.35
C SER B 65 -4.58 5.97 -10.32
N ARG B 66 -4.25 4.70 -10.57
CA ARG B 66 -2.89 4.20 -10.56
C ARG B 66 -2.60 3.44 -11.86
N SER B 67 -1.38 3.62 -12.41
CA SER B 67 -0.89 2.77 -13.52
C SER B 67 0.60 2.49 -13.25
N GLY B 68 0.86 1.44 -12.50
CA GLY B 68 2.24 1.11 -12.18
C GLY B 68 2.75 2.02 -11.07
N THR B 69 3.86 2.67 -11.34
CA THR B 69 4.49 3.61 -10.42
C THR B 69 3.90 5.04 -10.52
N ASP B 70 2.79 5.23 -11.25
CA ASP B 70 2.25 6.56 -11.56
C ASP B 70 0.83 6.68 -11.05
N PHE B 71 0.60 7.63 -10.13
CA PHE B 71 -0.72 7.86 -9.58
C PHE B 71 -1.24 9.17 -10.14
N THR B 72 -2.51 9.20 -10.51
CA THR B 72 -3.03 10.41 -11.12
C THR B 72 -4.30 10.85 -10.42
N LEU B 73 -4.42 12.17 -10.29
CA LEU B 73 -5.62 12.82 -9.83
C LEU B 73 -6.28 13.48 -11.02
N THR B 74 -7.60 13.31 -11.14
CA THR B 74 -8.36 13.79 -12.27
C THR B 74 -9.54 14.62 -11.76
N ILE B 75 -9.69 15.83 -12.30
CA ILE B 75 -10.88 16.64 -12.08
C ILE B 75 -11.62 16.63 -13.40
N SER B 76 -12.81 16.02 -13.42
CA SER B 76 -13.46 15.75 -14.70
C SER B 76 -13.97 17.03 -15.38
N SER B 77 -14.46 18.00 -14.60
CA SER B 77 -14.85 19.29 -15.17
C SER B 77 -14.58 20.39 -14.15
N LEU B 78 -13.55 21.18 -14.41
CA LEU B 78 -13.05 22.13 -13.41
C LEU B 78 -14.11 23.15 -12.99
N GLN B 79 -14.18 23.41 -11.69
CA GLN B 79 -15.07 24.39 -11.10
C GLN B 79 -14.25 25.57 -10.56
N PRO B 80 -14.80 26.77 -10.56
CA PRO B 80 -14.00 27.94 -10.14
C PRO B 80 -13.52 27.85 -8.70
N GLU B 81 -14.28 27.20 -7.83
CA GLU B 81 -13.85 27.02 -6.45
C GLU B 81 -12.72 25.99 -6.35
N ASP B 82 -12.30 25.40 -7.45
CA ASP B 82 -11.27 24.36 -7.45
C ASP B 82 -9.85 24.89 -7.59
N PHE B 83 -9.66 26.21 -7.71
CA PHE B 83 -8.29 26.71 -7.73
C PHE B 83 -7.66 26.45 -6.36
N ALA B 84 -6.49 25.84 -6.35
CA ALA B 84 -5.80 25.45 -5.12
C ALA B 84 -4.43 24.91 -5.52
N THR B 85 -3.69 24.39 -4.55
CA THR B 85 -2.52 23.59 -4.84
C THR B 85 -2.79 22.17 -4.38
N TYR B 86 -2.53 21.18 -5.25
CA TYR B 86 -2.82 19.78 -4.97
C TYR B 86 -1.54 19.00 -4.73
N TYR B 87 -1.56 18.14 -3.72
CA TYR B 87 -0.38 17.39 -3.30
C TYR B 87 -0.67 15.90 -3.33
N CYS B 88 0.28 15.12 -3.84
CA CYS B 88 0.27 13.67 -3.63
C CYS B 88 1.07 13.38 -2.37
N GLN B 89 0.67 12.35 -1.63
CA GLN B 89 1.50 11.90 -0.53
C GLN B 89 1.54 10.38 -0.53
N GLN B 90 2.73 9.80 -0.33
CA GLN B 90 2.78 8.37 -0.15
C GLN B 90 2.38 8.05 1.28
N GLY B 91 1.63 6.97 1.43
CA GLY B 91 1.11 6.53 2.69
C GLY B 91 1.96 5.62 3.52
N SER B 92 3.15 5.24 3.09
CA SER B 92 4.04 4.46 3.94
C SER B 92 5.18 5.34 4.38
N ALA B 93 5.81 4.95 5.48
CA ALA B 93 6.86 5.78 6.06
C ALA B 93 8.05 5.86 5.10
N PRO B 94 8.65 7.05 4.91
CA PRO B 94 8.53 8.32 5.65
C PRO B 94 7.50 9.35 5.15
N PHE B 95 6.43 8.96 4.48
CA PHE B 95 5.34 9.86 4.09
C PHE B 95 5.84 11.07 3.32
N THR B 96 6.42 10.82 2.16
CA THR B 96 6.93 11.92 1.34
C THR B 96 5.77 12.56 0.62
N PHE B 97 5.80 13.88 0.51
CA PHE B 97 4.80 14.60 -0.25
C PHE B 97 5.38 14.94 -1.62
N GLY B 98 4.50 15.04 -2.60
CA GLY B 98 4.88 15.55 -3.89
C GLY B 98 5.10 17.06 -3.86
N GLN B 99 5.57 17.57 -4.99
CA GLN B 99 6.01 18.95 -5.06
C GLN B 99 4.85 19.93 -5.05
N GLY B 100 3.64 19.50 -5.38
CA GLY B 100 2.52 20.39 -5.52
C GLY B 100 2.19 20.69 -6.98
N THR B 101 0.94 21.06 -7.23
CA THR B 101 0.46 21.47 -8.55
C THR B 101 -0.51 22.61 -8.35
N LYS B 102 -0.06 23.82 -8.70
CA LYS B 102 -0.91 24.99 -8.59
C LYS B 102 -1.92 24.97 -9.74
N VAL B 103 -3.20 24.97 -9.40
CA VAL B 103 -4.24 24.98 -10.41
C VAL B 103 -4.87 26.37 -10.38
N GLU B 104 -4.64 27.12 -11.45
CA GLU B 104 -5.24 28.44 -11.64
C GLU B 104 -6.29 28.32 -12.74
N ILE B 105 -7.33 29.11 -12.63
CA ILE B 105 -8.46 28.99 -13.52
C ILE B 105 -8.46 30.07 -14.59
N LYS B 106 -8.85 29.68 -15.81
CA LYS B 106 -8.85 30.57 -16.97
C LYS B 106 -10.28 31.00 -17.27
N ARG B 107 -10.45 32.30 -17.59
CA ARG B 107 -11.77 32.92 -17.80
C ARG B 107 -11.62 34.07 -18.79
N THR B 108 -12.71 34.83 -18.97
CA THR B 108 -12.70 36.02 -19.84
C THR B 108 -11.75 37.10 -19.32
N VAL B 109 -11.28 37.94 -20.25
CA VAL B 109 -10.58 39.15 -19.84
C VAL B 109 -11.56 39.99 -19.02
N ALA B 110 -11.06 40.57 -17.93
CA ALA B 110 -11.89 41.41 -17.07
C ALA B 110 -11.20 42.75 -16.79
N ALA B 111 -11.91 43.84 -17.03
CA ALA B 111 -11.37 45.17 -16.77
C ALA B 111 -11.23 45.41 -15.26
N PRO B 112 -10.10 45.96 -14.81
CA PRO B 112 -10.00 46.35 -13.41
C PRO B 112 -10.74 47.64 -13.13
N SER B 113 -11.41 47.68 -11.98
CA SER B 113 -11.83 48.95 -11.39
C SER B 113 -10.65 49.51 -10.62
N VAL B 114 -10.29 50.75 -10.91
CA VAL B 114 -9.04 51.35 -10.43
C VAL B 114 -9.34 52.53 -9.52
N PHE B 115 -8.70 52.53 -8.34
CA PHE B 115 -8.76 53.64 -7.39
C PHE B 115 -7.35 54.00 -6.92
N ILE B 116 -7.16 55.26 -6.57
CA ILE B 116 -5.91 55.77 -6.00
C ILE B 116 -6.21 56.43 -4.67
N PHE B 117 -5.30 56.29 -3.70
CA PHE B 117 -5.50 56.77 -2.34
C PHE B 117 -4.30 57.63 -1.94
N PRO B 118 -4.51 58.89 -1.53
CA PRO B 118 -3.38 59.68 -0.98
C PRO B 118 -2.97 59.14 0.38
N PRO B 119 -1.73 59.43 0.86
CA PRO B 119 -1.35 59.08 2.22
C PRO B 119 -2.19 59.83 3.24
N SER B 120 -2.25 59.30 4.46
CA SER B 120 -3.02 59.95 5.54
C SER B 120 -2.18 61.05 6.19
N ASP B 121 -2.84 61.96 6.90
CA ASP B 121 -2.12 63.03 7.62
C ASP B 121 -1.39 62.41 8.81
N GLU B 122 -1.99 61.40 9.42
CA GLU B 122 -1.35 60.72 10.58
C GLU B 122 -0.03 60.09 10.14
N GLN B 123 0.01 59.51 8.95
CA GLN B 123 1.26 58.88 8.45
C GLN B 123 2.26 59.98 8.14
N LEU B 124 1.74 61.16 7.82
CA LEU B 124 2.66 62.27 7.44
C LEU B 124 3.37 62.74 8.71
N LYS B 125 2.69 62.74 9.86
CA LYS B 125 3.45 63.07 11.07
C LYS B 125 4.58 62.09 11.34
N SER B 126 4.59 60.94 10.69
CA SER B 126 5.65 59.95 10.88
C SER B 126 6.88 60.24 10.03
N GLY B 127 6.75 61.08 8.98
CA GLY B 127 7.84 61.31 8.07
C GLY B 127 7.91 60.42 6.84
N THR B 128 6.85 59.67 6.56
CA THR B 128 6.79 58.81 5.37
C THR B 128 5.37 58.85 4.86
N ALA B 129 5.26 58.86 3.53
CA ALA B 129 3.99 58.87 2.82
C ALA B 129 3.84 57.56 2.04
N SER B 130 2.66 56.96 2.12
CA SER B 130 2.33 55.73 1.41
C SER B 130 1.14 56.02 0.50
N VAL B 131 1.36 55.96 -0.81
CA VAL B 131 0.31 56.10 -1.81
C VAL B 131 -0.09 54.72 -2.29
N VAL B 132 -1.39 54.44 -2.32
CA VAL B 132 -1.83 53.09 -2.68
C VAL B 132 -2.73 53.15 -3.90
N CYS B 133 -2.48 52.23 -4.84
CA CYS B 133 -3.27 52.13 -6.07
C CYS B 133 -3.96 50.79 -6.10
N LEU B 134 -5.27 50.81 -6.23
CA LEU B 134 -6.06 49.58 -6.16
C LEU B 134 -6.62 49.24 -7.53
N LEU B 135 -6.36 48.01 -7.96
CA LEU B 135 -6.97 47.42 -9.16
C LEU B 135 -7.91 46.33 -8.70
N ASN B 136 -9.21 46.51 -8.96
CA ASN B 136 -10.23 45.62 -8.38
C ASN B 136 -10.84 44.71 -9.45
N ASN B 137 -10.80 43.39 -9.21
CA ASN B 137 -11.61 42.38 -9.90
C ASN B 137 -11.37 42.35 -11.42
N PHE B 138 -10.14 41.97 -11.75
CA PHE B 138 -9.65 41.92 -13.12
C PHE B 138 -9.07 40.55 -13.42
N TYR B 139 -8.78 40.31 -14.70
CA TYR B 139 -8.16 39.08 -15.19
C TYR B 139 -7.65 39.39 -16.56
N PRO B 140 -6.43 38.96 -16.93
CA PRO B 140 -5.54 38.03 -16.23
C PRO B 140 -4.75 38.72 -15.15
N ARG B 141 -3.93 37.97 -14.42
CA ARG B 141 -3.24 38.52 -13.27
C ARG B 141 -2.29 39.64 -13.66
N GLU B 142 -1.61 39.47 -14.78
CA GLU B 142 -0.57 40.39 -15.20
C GLU B 142 -1.19 41.66 -15.76
N ALA B 143 -0.90 42.78 -15.12
CA ALA B 143 -1.34 44.10 -15.56
C ALA B 143 -0.20 45.06 -15.30
N LYS B 144 -0.04 46.04 -16.18
CA LYS B 144 1.02 47.01 -16.05
C LYS B 144 0.54 48.17 -15.19
N VAL B 145 1.14 48.33 -14.00
CA VAL B 145 0.90 49.50 -13.17
C VAL B 145 2.15 50.40 -13.16
N SER B 146 1.97 51.65 -13.53
CA SER B 146 3.04 52.63 -13.52
C SER B 146 2.69 53.79 -12.60
N TRP B 147 3.67 54.27 -11.82
CA TRP B 147 3.48 55.41 -10.92
C TRP B 147 4.09 56.70 -11.49
N TYR B 148 3.37 57.81 -11.35
CA TYR B 148 3.87 59.11 -11.81
C TYR B 148 3.76 60.14 -10.69
N VAL B 149 4.83 60.90 -10.50
CA VAL B 149 4.86 62.00 -9.55
C VAL B 149 5.33 63.25 -10.26
N ASP B 150 4.41 64.21 -10.45
CA ASP B 150 4.64 65.38 -11.32
C ASP B 150 5.07 64.93 -12.71
N ASN B 151 4.42 63.87 -13.19
CA ASN B 151 4.64 63.29 -14.51
C ASN B 151 6.03 62.74 -14.68
N ALA B 152 6.72 62.45 -13.59
CA ALA B 152 7.97 61.70 -13.61
C ALA B 152 7.65 60.25 -13.24
N LEU B 153 7.99 59.32 -14.13
CA LEU B 153 7.82 57.91 -13.86
C LEU B 153 8.61 57.49 -12.63
N GLN B 154 7.94 56.78 -11.71
CA GLN B 154 8.56 56.32 -10.47
C GLN B 154 9.02 54.89 -10.64
N SER B 155 10.23 54.62 -10.18
CA SER B 155 10.76 53.26 -10.25
C SER B 155 11.55 52.97 -8.98
N GLY B 156 11.39 51.75 -8.47
CA GLY B 156 12.17 51.28 -7.33
C GLY B 156 11.57 51.56 -5.97
N ASN B 157 10.47 52.31 -5.89
CA ASN B 157 9.87 52.66 -4.62
C ASN B 157 8.40 52.23 -4.53
N SER B 158 8.00 51.18 -5.25
CA SER B 158 6.66 50.63 -5.09
C SER B 158 6.71 49.11 -4.86
N GLN B 159 5.65 48.60 -4.24
CA GLN B 159 5.50 47.18 -3.96
C GLN B 159 4.08 46.73 -4.30
N GLU B 160 3.98 45.55 -4.91
CA GLU B 160 2.72 45.00 -5.36
C GLU B 160 2.31 43.85 -4.47
N SER B 161 1.02 43.72 -4.27
CA SER B 161 0.46 42.54 -3.65
C SER B 161 -0.79 42.16 -4.43
N VAL B 162 -0.96 40.86 -4.66
CA VAL B 162 -2.06 40.36 -5.46
C VAL B 162 -2.86 39.39 -4.59
N THR B 163 -4.17 39.47 -4.71
CA THR B 163 -5.04 38.61 -3.93
C THR B 163 -5.13 37.24 -4.62
N GLU B 164 -5.78 36.29 -3.97
CA GLU B 164 -5.97 35.01 -4.63
C GLU B 164 -7.20 35.11 -5.53
N GLN B 165 -7.37 34.12 -6.41
CA GLN B 165 -8.50 34.17 -7.33
C GLN B 165 -9.81 34.10 -6.55
N ASP B 166 -10.76 34.95 -6.93
CA ASP B 166 -12.10 34.88 -6.36
C ASP B 166 -12.74 33.52 -6.67
N SER B 167 -13.43 32.94 -5.70
CA SER B 167 -13.94 31.59 -5.85
C SER B 167 -15.21 31.47 -6.68
N LYS B 168 -15.77 32.58 -7.18
CA LYS B 168 -16.88 32.49 -8.13
C LYS B 168 -16.52 33.06 -9.50
N ASP B 169 -15.86 34.23 -9.57
CA ASP B 169 -15.62 34.82 -10.88
C ASP B 169 -14.18 34.68 -11.37
N SER B 170 -13.29 34.07 -10.56
CA SER B 170 -11.90 33.76 -10.91
C SER B 170 -11.06 34.98 -11.21
N THR B 171 -11.49 36.15 -10.74
CA THR B 171 -10.72 37.37 -10.91
C THR B 171 -9.74 37.59 -9.77
N TYR B 172 -8.83 38.53 -10.00
CA TYR B 172 -7.88 38.98 -9.01
C TYR B 172 -8.14 40.44 -8.67
N SER B 173 -7.48 40.88 -7.62
CA SER B 173 -7.38 42.27 -7.23
C SER B 173 -5.93 42.49 -6.88
N LEU B 174 -5.45 43.71 -7.08
CA LEU B 174 -4.04 43.99 -6.87
C LEU B 174 -3.89 45.35 -6.22
N SER B 175 -2.90 45.45 -5.33
CA SER B 175 -2.53 46.70 -4.68
C SER B 175 -1.11 47.07 -5.10
N SER B 176 -0.89 48.35 -5.36
CA SER B 176 0.44 48.91 -5.53
C SER B 176 0.64 50.02 -4.51
N THR B 177 1.71 49.91 -3.75
CA THR B 177 2.00 50.81 -2.63
C THR B 177 3.31 51.52 -2.97
N LEU B 178 3.22 52.83 -3.20
CA LEU B 178 4.37 53.69 -3.44
C LEU B 178 4.73 54.42 -2.14
N THR B 179 5.99 54.33 -1.73
CA THR B 179 6.43 54.91 -0.46
C THR B 179 7.44 56.02 -0.71
N LEU B 180 7.23 57.16 -0.04
CA LEU B 180 8.05 58.38 -0.17
C LEU B 180 8.26 59.02 1.19
N SER B 181 9.30 59.85 1.28
CA SER B 181 9.53 60.71 2.43
C SER B 181 8.40 61.74 2.51
N LYS B 182 8.07 62.18 3.75
CA LYS B 182 7.09 63.26 3.87
C LYS B 182 7.54 64.48 3.06
N ALA B 183 8.82 64.84 3.16
CA ALA B 183 9.36 65.96 2.38
C ALA B 183 9.17 65.73 0.88
N ASP B 184 9.41 64.50 0.41
CA ASP B 184 9.28 64.26 -1.02
C ASP B 184 7.84 64.41 -1.46
N TYR B 185 6.92 63.81 -0.72
CA TYR B 185 5.52 63.94 -1.06
C TYR B 185 5.09 65.40 -1.00
N GLU B 186 5.61 66.15 -0.03
CA GLU B 186 5.15 67.50 0.16
C GLU B 186 5.66 68.47 -0.90
N LYS B 187 6.66 68.10 -1.70
CA LYS B 187 7.19 69.03 -2.69
C LYS B 187 6.67 68.77 -4.10
N HIS B 188 5.77 67.81 -4.27
CA HIS B 188 5.16 67.51 -5.57
C HIS B 188 3.64 67.55 -5.48
N LYS B 189 2.98 67.78 -6.61
CA LYS B 189 1.55 68.06 -6.61
C LYS B 189 0.69 66.92 -7.15
N VAL B 190 1.06 66.35 -8.28
CA VAL B 190 0.15 65.47 -9.01
C VAL B 190 0.66 64.06 -8.86
N TYR B 191 -0.19 63.18 -8.35
CA TYR B 191 0.11 61.78 -8.14
C TYR B 191 -0.81 60.98 -9.05
N ALA B 192 -0.24 59.97 -9.73
CA ALA B 192 -1.04 59.25 -10.73
C ALA B 192 -0.66 57.78 -10.84
N CYS B 193 -1.66 56.91 -10.98
CA CYS B 193 -1.43 55.46 -11.15
C CYS B 193 -1.97 55.05 -12.52
N GLU B 194 -1.11 54.52 -13.39
CA GLU B 194 -1.54 54.12 -14.76
C GLU B 194 -1.62 52.60 -14.88
N VAL B 195 -2.80 52.09 -15.25
CA VAL B 195 -3.01 50.66 -15.45
C VAL B 195 -3.17 50.39 -16.94
N THR B 196 -2.35 49.51 -17.49
CA THR B 196 -2.49 49.13 -18.89
C THR B 196 -2.87 47.66 -18.97
N GLN B 197 -3.85 47.36 -19.83
CA GLN B 197 -4.31 46.00 -20.06
C GLN B 197 -4.81 45.96 -21.50
N GLY B 198 -4.08 45.27 -22.36
CA GLY B 198 -4.48 45.17 -23.76
C GLY B 198 -4.30 46.49 -24.50
N THR B 199 -5.36 46.93 -25.19
CA THR B 199 -5.39 48.22 -25.90
C THR B 199 -6.14 49.30 -25.14
N THR B 200 -6.04 49.31 -23.82
CA THR B 200 -6.70 50.30 -22.99
C THR B 200 -5.84 50.59 -21.78
N SER B 201 -5.54 51.87 -21.58
CA SER B 201 -4.87 52.35 -20.39
C SER B 201 -5.82 53.25 -19.61
N VAL B 202 -5.84 53.09 -18.30
CA VAL B 202 -6.55 53.99 -17.42
C VAL B 202 -5.52 54.60 -16.47
N THR B 203 -5.62 55.91 -16.26
CA THR B 203 -4.77 56.63 -15.32
C THR B 203 -5.70 57.26 -14.30
N LYS B 204 -5.49 56.96 -13.03
CA LYS B 204 -6.21 57.62 -11.93
C LYS B 204 -5.24 58.49 -11.15
N SER B 205 -5.72 59.64 -10.68
CA SER B 205 -4.81 60.62 -10.09
C SER B 205 -5.48 61.43 -8.97
N PHE B 206 -4.64 62.16 -8.25
CA PHE B 206 -5.10 63.16 -7.32
C PHE B 206 -4.04 64.24 -7.28
N ASN B 207 -4.46 65.44 -6.85
CA ASN B 207 -3.56 66.54 -6.53
C ASN B 207 -3.44 66.61 -5.01
N ARG B 208 -2.21 66.79 -4.52
CA ARG B 208 -1.97 66.86 -3.07
C ARG B 208 -2.88 67.89 -2.41
N GLY B 209 -3.04 69.04 -3.02
CA GLY B 209 -3.96 69.97 -2.41
C GLY B 209 -5.35 69.69 -2.98
N GLU B 210 -6.13 68.84 -2.31
CA GLU B 210 -7.47 68.53 -2.77
C GLU B 210 -8.35 68.08 -1.61
N CYS B 211 -9.64 67.94 -1.90
CA CYS B 211 -10.61 67.34 -0.97
C CYS B 211 -11.74 66.60 -1.72
N GLU C 1 -18.33 -17.58 -8.25
CA GLU C 1 -17.44 -18.36 -7.39
C GLU C 1 -16.16 -17.56 -7.05
N VAL C 2 -15.66 -17.72 -5.83
CA VAL C 2 -14.45 -17.01 -5.40
C VAL C 2 -13.23 -17.78 -5.88
N GLN C 3 -12.27 -17.05 -6.45
CA GLN C 3 -11.07 -17.66 -7.01
C GLN C 3 -9.85 -16.79 -6.74
N LEU C 4 -8.73 -17.44 -6.46
CA LEU C 4 -7.46 -16.79 -6.13
C LEU C 4 -6.36 -17.43 -6.98
N VAL C 5 -5.78 -16.66 -7.91
CA VAL C 5 -4.77 -17.16 -8.83
C VAL C 5 -3.45 -16.49 -8.52
N GLU C 6 -2.44 -17.27 -8.16
CA GLU C 6 -1.12 -16.73 -7.87
C GLU C 6 -0.22 -16.83 -9.10
N SER C 7 0.91 -16.11 -9.06
CA SER C 7 1.82 -16.04 -10.19
C SER C 7 3.19 -15.58 -9.69
N GLY C 8 4.20 -15.73 -10.53
CA GLY C 8 5.51 -15.21 -10.21
C GLY C 8 6.42 -16.12 -9.41
N GLY C 9 6.14 -17.42 -9.32
CA GLY C 9 7.05 -18.34 -8.69
C GLY C 9 8.18 -18.71 -9.63
N GLY C 10 9.08 -19.59 -9.13
CA GLY C 10 10.17 -20.12 -9.92
C GLY C 10 11.47 -20.11 -9.14
N LEU C 11 12.56 -20.30 -9.87
CA LEU C 11 13.89 -20.41 -9.29
C LEU C 11 14.51 -19.01 -9.14
N VAL C 12 15.37 -18.85 -8.13
CA VAL C 12 16.06 -17.59 -7.88
C VAL C 12 17.33 -17.86 -7.08
N GLN C 13 18.42 -17.19 -7.45
CA GLN C 13 19.69 -17.35 -6.74
C GLN C 13 19.61 -16.76 -5.33
N PRO C 14 20.41 -17.26 -4.38
CA PRO C 14 20.41 -16.69 -3.04
C PRO C 14 20.70 -15.18 -3.08
N GLY C 15 19.96 -14.44 -2.25
CA GLY C 15 20.08 -13.00 -2.23
C GLY C 15 19.22 -12.29 -3.25
N GLY C 16 18.58 -13.03 -4.18
CA GLY C 16 17.76 -12.45 -5.21
C GLY C 16 16.36 -12.08 -4.74
N SER C 17 15.56 -11.60 -5.69
CA SER C 17 14.28 -10.99 -5.38
C SER C 17 13.16 -11.62 -6.21
N LEU C 18 11.97 -11.66 -5.63
CA LEU C 18 10.81 -12.19 -6.33
C LEU C 18 9.56 -11.41 -5.98
N ARG C 19 8.66 -11.24 -6.97
CA ARG C 19 7.37 -10.60 -6.76
C ARG C 19 6.27 -11.60 -7.06
N LEU C 20 5.39 -11.84 -6.09
CA LEU C 20 4.28 -12.77 -6.27
C LEU C 20 2.97 -12.01 -6.40
N SER C 21 2.14 -12.44 -7.31
CA SER C 21 0.83 -11.83 -7.45
C SER C 21 -0.23 -12.78 -6.96
N CYS C 22 -1.33 -12.21 -6.47
CA CYS C 22 -2.49 -12.99 -6.03
C CYS C 22 -3.72 -12.26 -6.57
N ALA C 23 -4.27 -12.77 -7.67
CA ALA C 23 -5.38 -12.13 -8.38
C ALA C 23 -6.72 -12.70 -7.89
N ALA C 24 -7.57 -11.84 -7.33
CA ALA C 24 -8.86 -12.25 -6.81
C ALA C 24 -9.98 -12.06 -7.82
N SER C 25 -10.96 -12.97 -7.77
CA SER C 25 -12.18 -12.84 -8.55
C SER C 25 -13.36 -13.29 -7.69
N GLY C 26 -14.51 -12.66 -7.91
CA GLY C 26 -15.70 -13.00 -7.19
C GLY C 26 -15.80 -12.37 -5.82
N PHE C 27 -14.92 -11.44 -5.49
CA PHE C 27 -14.98 -10.66 -4.26
C PHE C 27 -13.96 -9.55 -4.38
N THR C 28 -14.19 -8.46 -3.64
CA THR C 28 -13.26 -7.35 -3.65
C THR C 28 -12.16 -7.60 -2.62
N ILE C 29 -10.94 -7.24 -2.99
CA ILE C 29 -9.79 -7.47 -2.12
C ILE C 29 -9.80 -6.51 -0.93
N SER C 30 -10.42 -5.35 -1.08
CA SER C 30 -10.44 -4.37 -0.01
C SER C 30 -11.36 -4.80 1.13
N SER C 31 -12.44 -5.50 0.78
CA SER C 31 -13.44 -6.02 1.72
C SER C 31 -12.91 -7.18 2.55
N SER C 32 -11.66 -7.57 2.35
CA SER C 32 -11.15 -8.81 2.92
C SER C 32 -9.78 -8.58 3.55
N TYR C 33 -9.47 -9.46 4.49
CA TYR C 33 -8.12 -9.60 5.01
C TYR C 33 -7.41 -10.60 4.12
N ILE C 34 -6.28 -10.21 3.52
CA ILE C 34 -5.52 -11.07 2.60
C ILE C 34 -4.25 -11.51 3.31
N HIS C 35 -3.89 -12.79 3.17
CA HIS C 35 -2.72 -13.34 3.84
C HIS C 35 -1.89 -14.17 2.87
N TRP C 36 -0.60 -14.29 3.17
CA TRP C 36 0.26 -15.25 2.49
C TRP C 36 0.71 -16.27 3.53
N VAL C 37 0.71 -17.54 3.13
CA VAL C 37 1.12 -18.65 3.98
C VAL C 37 1.98 -19.60 3.15
N ARG C 38 3.18 -19.92 3.65
CA ARG C 38 4.09 -20.75 2.89
C ARG C 38 4.30 -22.09 3.58
N GLN C 39 4.86 -23.01 2.81
CA GLN C 39 5.09 -24.37 3.28
C GLN C 39 6.40 -24.82 2.65
N ALA C 40 7.43 -25.00 3.48
CA ALA C 40 8.69 -25.54 3.01
C ALA C 40 8.52 -27.02 2.68
N PRO C 41 9.29 -27.52 1.71
CA PRO C 41 9.08 -28.93 1.29
C PRO C 41 9.23 -29.87 2.48
N GLY C 42 8.15 -30.59 2.75
CA GLY C 42 8.10 -31.56 3.83
C GLY C 42 7.71 -31.01 5.18
N LYS C 43 7.79 -29.68 5.38
CA LYS C 43 7.47 -29.06 6.65
C LYS C 43 5.98 -28.70 6.65
N GLY C 44 5.53 -27.96 7.67
CA GLY C 44 4.14 -27.58 7.80
C GLY C 44 3.85 -26.21 7.20
N LEU C 45 2.76 -25.62 7.67
CA LEU C 45 2.29 -24.32 7.21
C LEU C 45 2.83 -23.22 8.12
N GLU C 46 3.25 -22.11 7.50
CA GLU C 46 3.82 -20.99 8.23
C GLU C 46 3.18 -19.70 7.73
N TRP C 47 2.57 -18.95 8.63
CA TRP C 47 2.09 -17.62 8.26
C TRP C 47 3.28 -16.69 8.05
N VAL C 48 3.20 -15.86 7.01
CA VAL C 48 4.29 -14.96 6.63
C VAL C 48 3.86 -13.49 6.61
N ALA C 49 2.69 -13.20 6.04
CA ALA C 49 2.30 -11.78 6.02
C ALA C 49 0.79 -11.63 5.84
N SER C 50 0.26 -10.47 6.21
CA SER C 50 -1.15 -10.18 6.04
C SER C 50 -1.35 -8.70 5.75
N ILE C 51 -2.44 -8.38 5.05
CA ILE C 51 -2.77 -7.00 4.69
C ILE C 51 -4.27 -6.82 4.71
N SER C 52 -4.73 -5.66 5.19
CA SER C 52 -6.06 -5.15 4.88
C SER C 52 -5.94 -3.78 4.21
N SER C 53 -6.26 -3.69 2.93
CA SER C 53 -6.11 -2.37 2.31
C SER C 53 -7.07 -1.37 2.95
N TYR C 54 -8.24 -1.82 3.42
CA TYR C 54 -9.23 -0.94 4.03
C TYR C 54 -8.73 -0.35 5.35
N TYR C 55 -8.19 -1.22 6.22
CA TYR C 55 -7.63 -0.71 7.46
C TYR C 55 -6.25 -0.11 7.28
N GLY C 56 -5.66 -0.30 6.11
CA GLY C 56 -4.31 0.14 5.84
C GLY C 56 -3.25 -0.58 6.64
N SER C 57 -3.49 -1.83 7.01
CA SER C 57 -2.66 -2.55 7.97
C SER C 57 -1.79 -3.58 7.28
N THR C 58 -0.51 -3.61 7.65
CA THR C 58 0.33 -4.72 7.23
C THR C 58 1.01 -5.31 8.46
N SER C 59 1.22 -6.63 8.43
CA SER C 59 1.85 -7.33 9.55
C SER C 59 2.67 -8.47 8.98
N TYR C 60 3.81 -8.77 9.63
CA TYR C 60 4.77 -9.72 9.12
C TYR C 60 5.23 -10.70 10.18
N ALA C 61 5.44 -11.94 9.76
CA ALA C 61 6.11 -12.92 10.59
C ALA C 61 7.55 -12.46 10.85
N ASP C 62 8.04 -12.71 12.07
CA ASP C 62 9.34 -12.19 12.47
C ASP C 62 10.45 -12.73 11.58
N SER C 63 10.29 -13.95 11.07
CA SER C 63 11.27 -14.63 10.22
C SER C 63 11.45 -13.96 8.87
N VAL C 64 10.63 -12.95 8.57
CA VAL C 64 10.55 -12.39 7.23
C VAL C 64 10.57 -10.86 7.29
N LYS C 65 10.40 -10.31 8.50
CA LYS C 65 10.32 -8.87 8.69
C LYS C 65 11.55 -8.17 8.13
N GLY C 66 11.33 -7.06 7.43
CA GLY C 66 12.38 -6.28 6.81
C GLY C 66 12.76 -6.70 5.41
N ARG C 67 12.66 -7.99 5.09
CA ARG C 67 13.00 -8.48 3.76
C ARG C 67 11.80 -8.58 2.82
N PHE C 68 10.60 -8.85 3.35
CA PHE C 68 9.39 -9.00 2.56
C PHE C 68 8.47 -7.80 2.74
N THR C 69 7.69 -7.52 1.71
CA THR C 69 6.72 -6.45 1.70
C THR C 69 5.43 -6.96 1.11
N ILE C 70 4.31 -6.76 1.80
CA ILE C 70 3.00 -7.20 1.33
C ILE C 70 2.24 -5.95 0.90
N SER C 71 1.62 -6.02 -0.26
CA SER C 71 0.97 -4.83 -0.82
C SER C 71 -0.30 -5.24 -1.56
N ALA C 72 -1.02 -4.24 -2.05
CA ALA C 72 -2.25 -4.51 -2.77
C ALA C 72 -2.51 -3.42 -3.80
N ASP C 73 -3.21 -3.81 -4.85
CA ASP C 73 -3.65 -2.89 -5.90
C ASP C 73 -5.16 -3.12 -5.97
N THR C 74 -5.91 -2.24 -5.30
CA THR C 74 -7.35 -2.36 -5.28
C THR C 74 -7.95 -2.29 -6.69
N SER C 75 -7.44 -1.35 -7.53
CA SER C 75 -7.93 -1.21 -8.90
C SER C 75 -7.76 -2.49 -9.73
N LYS C 76 -6.64 -3.19 -9.54
CA LYS C 76 -6.40 -4.45 -10.23
C LYS C 76 -6.92 -5.66 -9.45
N ASN C 77 -7.52 -5.42 -8.28
CA ASN C 77 -8.01 -6.48 -7.39
C ASN C 77 -6.98 -7.57 -7.16
N THR C 78 -5.76 -7.16 -6.81
CA THR C 78 -4.62 -8.05 -6.69
C THR C 78 -3.80 -7.67 -5.47
N ALA C 79 -3.21 -8.67 -4.82
CA ALA C 79 -2.29 -8.51 -3.71
C ALA C 79 -0.91 -8.98 -4.13
N TYR C 80 0.12 -8.42 -3.53
CA TYR C 80 1.48 -8.79 -3.91
C TYR C 80 2.30 -9.10 -2.67
N LEU C 81 3.31 -9.96 -2.83
CA LEU C 81 4.33 -10.17 -1.81
C LEU C 81 5.68 -10.02 -2.47
N GLN C 82 6.39 -8.93 -2.13
CA GLN C 82 7.74 -8.67 -2.63
C GLN C 82 8.76 -9.31 -1.70
N MET C 83 9.67 -10.09 -2.28
CA MET C 83 10.64 -10.85 -1.53
C MET C 83 12.03 -10.39 -1.94
N ASN C 84 12.82 -9.93 -0.98
CA ASN C 84 14.20 -9.54 -1.23
C ASN C 84 15.12 -10.34 -0.32
N SER C 85 16.38 -10.41 -0.74
CA SER C 85 17.42 -11.10 0.02
C SER C 85 16.94 -12.50 0.38
N LEU C 86 16.49 -13.21 -0.65
CA LEU C 86 15.97 -14.56 -0.45
C LEU C 86 17.11 -15.50 -0.07
N ARG C 87 16.80 -16.45 0.82
CA ARG C 87 17.72 -17.45 1.31
C ARG C 87 17.20 -18.86 0.99
N ALA C 88 18.04 -19.87 1.23
CA ALA C 88 17.61 -21.24 0.96
C ALA C 88 16.42 -21.64 1.83
N GLU C 89 16.40 -21.16 3.07
CA GLU C 89 15.27 -21.39 3.98
C GLU C 89 13.99 -20.75 3.46
N ASP C 90 14.07 -19.84 2.49
CA ASP C 90 12.86 -19.28 1.91
C ASP C 90 12.26 -20.17 0.82
N THR C 91 12.96 -21.21 0.39
CA THR C 91 12.42 -22.13 -0.60
C THR C 91 11.21 -22.85 -0.01
N ALA C 92 10.07 -22.77 -0.70
CA ALA C 92 8.79 -23.19 -0.16
C ALA C 92 7.72 -23.01 -1.23
N VAL C 93 6.56 -23.63 -1.01
CA VAL C 93 5.38 -23.34 -1.82
C VAL C 93 4.61 -22.21 -1.14
N TYR C 94 4.41 -21.09 -1.84
CA TYR C 94 3.76 -19.92 -1.25
C TYR C 94 2.29 -19.86 -1.68
N TYR C 95 1.40 -19.65 -0.71
CA TYR C 95 -0.05 -19.58 -0.92
C TYR C 95 -0.54 -18.22 -0.45
N CYS C 96 -1.51 -17.63 -1.16
CA CYS C 96 -2.29 -16.53 -0.61
C CYS C 96 -3.67 -17.05 -0.23
N ALA C 97 -4.31 -16.37 0.74
CA ALA C 97 -5.59 -16.84 1.27
C ALA C 97 -6.40 -15.66 1.74
N ARG C 98 -7.72 -15.86 1.81
CA ARG C 98 -8.70 -14.87 2.26
C ARG C 98 -9.31 -15.29 3.59
N SER C 99 -9.53 -14.33 4.49
CA SER C 99 -10.29 -14.60 5.70
C SER C 99 -11.76 -14.82 5.36
N HIS C 100 -12.39 -15.77 6.06
CA HIS C 100 -13.80 -16.08 5.80
C HIS C 100 -14.73 -14.92 6.19
N TYR C 101 -14.38 -14.17 7.23
CA TYR C 101 -15.18 -13.05 7.69
C TYR C 101 -14.77 -11.76 7.00
N SER C 102 -15.75 -11.05 6.45
CA SER C 102 -15.43 -9.79 5.81
C SER C 102 -14.85 -8.79 6.82
N VAL C 103 -14.14 -7.79 6.30
CA VAL C 103 -13.53 -6.79 7.15
C VAL C 103 -14.53 -5.75 7.63
N TRP C 104 -15.73 -5.77 7.09
CA TRP C 104 -16.79 -4.80 7.33
C TRP C 104 -17.63 -5.12 8.55
N TRP C 105 -17.22 -6.06 9.37
CA TRP C 105 -17.98 -6.37 10.58
C TRP C 105 -17.70 -5.39 11.71
N GLY C 106 -16.62 -4.61 11.63
CA GLY C 106 -16.32 -3.69 12.69
C GLY C 106 -15.66 -4.30 13.89
N TRP C 107 -15.24 -5.56 13.80
CA TRP C 107 -14.53 -6.21 14.90
C TRP C 107 -13.09 -5.74 14.94
N HIS C 108 -12.62 -5.42 16.14
CA HIS C 108 -11.26 -4.97 16.39
C HIS C 108 -10.29 -6.11 16.71
N SER C 109 -10.80 -7.30 17.03
CA SER C 109 -9.99 -8.47 17.34
C SER C 109 -9.71 -9.30 16.08
N VAL C 110 -8.42 -9.63 15.86
CA VAL C 110 -8.04 -10.38 14.66
C VAL C 110 -8.35 -11.86 14.87
N SER C 111 -9.04 -12.17 15.98
CA SER C 111 -9.35 -13.56 16.27
C SER C 111 -10.41 -14.12 15.33
N TYR C 112 -11.35 -13.28 14.88
CA TYR C 112 -12.43 -13.79 14.04
C TYR C 112 -11.94 -14.02 12.63
N TYR C 113 -10.94 -13.27 12.20
CA TYR C 113 -10.33 -13.40 10.89
C TYR C 113 -9.36 -14.57 10.80
N ALA C 114 -9.41 -15.51 11.73
CA ALA C 114 -8.42 -16.56 11.78
C ALA C 114 -8.95 -17.84 11.15
N ALA C 115 -9.77 -17.70 10.12
CA ALA C 115 -10.23 -18.81 9.32
C ALA C 115 -10.08 -18.35 7.87
N PHE C 116 -9.31 -19.10 7.09
CA PHE C 116 -8.99 -18.73 5.71
C PHE C 116 -9.84 -19.61 4.82
N ASP C 117 -10.80 -19.04 4.11
CA ASP C 117 -11.76 -19.94 3.46
C ASP C 117 -11.49 -20.19 1.98
N TYR C 118 -10.86 -19.27 1.27
CA TYR C 118 -10.50 -19.46 -0.13
C TYR C 118 -9.01 -19.31 -0.26
N TRP C 119 -8.36 -20.23 -0.96
CA TRP C 119 -6.91 -20.21 -1.09
C TRP C 119 -6.52 -20.25 -2.56
N GLY C 120 -5.32 -19.77 -2.82
CA GLY C 120 -4.77 -19.90 -4.14
C GLY C 120 -4.27 -21.30 -4.37
N GLN C 121 -3.80 -21.53 -5.60
CA GLN C 121 -3.33 -22.86 -5.99
C GLN C 121 -1.96 -23.18 -5.41
N GLY C 122 -1.21 -22.18 -4.95
CA GLY C 122 0.14 -22.39 -4.47
C GLY C 122 1.15 -22.22 -5.60
N THR C 123 2.23 -21.48 -5.34
CA THR C 123 3.34 -21.34 -6.28
C THR C 123 4.65 -21.70 -5.59
N LEU C 124 5.55 -22.36 -6.34
CA LEU C 124 6.81 -22.85 -5.79
C LEU C 124 7.91 -21.81 -5.97
N VAL C 125 8.66 -21.54 -4.90
CA VAL C 125 9.81 -20.65 -4.92
C VAL C 125 11.03 -21.46 -4.53
N THR C 126 12.02 -21.50 -5.42
CA THR C 126 13.22 -22.31 -5.26
C THR C 126 14.43 -21.38 -5.20
N VAL C 127 15.23 -21.49 -4.15
CA VAL C 127 16.33 -20.57 -3.90
C VAL C 127 17.63 -21.36 -3.94
N SER C 128 18.22 -21.45 -5.13
CA SER C 128 19.50 -22.11 -5.30
C SER C 128 20.26 -21.38 -6.39
N SER C 129 21.57 -21.59 -6.42
CA SER C 129 22.34 -21.06 -7.53
C SER C 129 22.44 -22.05 -8.67
N ALA C 130 21.75 -23.19 -8.56
CA ALA C 130 21.77 -24.22 -9.60
C ALA C 130 21.09 -23.73 -10.87
N SER C 131 21.51 -24.28 -12.01
CA SER C 131 20.96 -23.83 -13.27
C SER C 131 19.75 -24.66 -13.67
N THR C 132 18.85 -24.03 -14.41
CA THR C 132 17.67 -24.70 -14.95
C THR C 132 18.10 -25.71 -16.02
N LYS C 133 17.64 -26.95 -15.87
CA LYS C 133 17.90 -28.06 -16.79
C LYS C 133 16.61 -28.80 -17.11
N GLY C 134 16.37 -29.07 -18.39
CA GLY C 134 15.21 -29.80 -18.81
C GLY C 134 15.37 -31.31 -18.67
N PRO C 135 14.24 -32.01 -18.66
CA PRO C 135 14.25 -33.46 -18.42
C PRO C 135 14.42 -34.28 -19.69
N SER C 136 15.22 -35.35 -19.58
CA SER C 136 15.23 -36.41 -20.57
C SER C 136 14.13 -37.41 -20.24
N VAL C 137 13.58 -38.01 -21.29
CA VAL C 137 12.42 -38.87 -21.18
C VAL C 137 12.72 -40.19 -21.88
N PHE C 138 12.61 -41.30 -21.15
CA PHE C 138 12.88 -42.61 -21.72
C PHE C 138 11.66 -43.52 -21.56
N PRO C 139 11.41 -44.41 -22.51
CA PRO C 139 10.28 -45.34 -22.37
C PRO C 139 10.53 -46.36 -21.27
N LEU C 140 9.43 -46.85 -20.71
CA LEU C 140 9.40 -48.05 -19.85
C LEU C 140 8.51 -49.03 -20.61
N ALA C 141 9.14 -49.85 -21.45
CA ALA C 141 8.38 -50.58 -22.44
C ALA C 141 7.82 -51.88 -21.86
N PRO C 142 6.58 -52.20 -22.21
CA PRO C 142 6.05 -53.55 -21.94
C PRO C 142 6.38 -54.54 -23.06
N SER C 143 6.16 -55.82 -22.80
CA SER C 143 6.02 -56.77 -23.90
C SER C 143 5.09 -57.92 -23.51
N GLY C 149 0.41 -61.12 -16.64
CA GLY C 149 -0.69 -62.01 -16.98
C GLY C 149 -1.52 -61.45 -18.11
N GLY C 150 -2.72 -60.96 -17.78
CA GLY C 150 -3.60 -60.49 -18.83
C GLY C 150 -3.41 -59.01 -19.11
N THR C 151 -2.95 -58.25 -18.12
CA THR C 151 -2.72 -56.82 -18.31
C THR C 151 -1.21 -56.57 -18.16
N ALA C 152 -0.76 -55.47 -18.73
CA ALA C 152 0.65 -55.09 -18.72
C ALA C 152 0.86 -53.68 -18.13
N ALA C 153 2.12 -53.36 -17.89
CA ALA C 153 2.50 -52.08 -17.33
C ALA C 153 3.46 -51.39 -18.27
N LEU C 154 3.32 -50.07 -18.41
CA LEU C 154 4.24 -49.28 -19.22
C LEU C 154 4.35 -47.89 -18.59
N GLY C 155 5.41 -47.17 -18.98
CA GLY C 155 5.66 -45.94 -18.28
C GLY C 155 6.60 -45.03 -19.06
N CYS C 156 6.93 -43.92 -18.41
CA CYS C 156 7.98 -43.00 -18.86
C CYS C 156 8.85 -42.67 -17.67
N LEU C 157 10.16 -42.75 -17.85
CA LEU C 157 11.10 -42.34 -16.81
C LEU C 157 11.56 -40.92 -17.15
N VAL C 158 11.25 -39.98 -16.27
CA VAL C 158 11.54 -38.57 -16.46
C VAL C 158 12.71 -38.23 -15.54
N LYS C 159 13.91 -38.12 -16.10
CA LYS C 159 15.11 -38.16 -15.30
C LYS C 159 15.98 -36.93 -15.58
N ASP C 160 16.61 -36.42 -14.50
CA ASP C 160 17.60 -35.34 -14.57
C ASP C 160 16.99 -34.02 -15.09
N TYR C 161 16.12 -33.45 -14.26
CA TYR C 161 15.57 -32.12 -14.54
C TYR C 161 15.61 -31.29 -13.27
N PHE C 162 15.56 -29.96 -13.45
CA PHE C 162 15.60 -29.02 -12.34
C PHE C 162 15.18 -27.65 -12.84
N PRO C 163 14.37 -26.91 -12.08
CA PRO C 163 13.80 -27.22 -10.76
C PRO C 163 12.46 -27.94 -10.88
N GLU C 164 11.82 -28.26 -9.76
CA GLU C 164 10.45 -28.75 -9.80
C GLU C 164 9.55 -27.63 -10.33
N PRO C 165 8.39 -27.95 -10.93
CA PRO C 165 7.72 -29.23 -11.12
C PRO C 165 7.69 -29.70 -12.57
N VAL C 166 7.36 -30.99 -12.69
CA VAL C 166 7.02 -31.66 -13.94
C VAL C 166 5.54 -32.00 -13.88
N THR C 167 4.86 -31.93 -15.01
CA THR C 167 3.51 -32.46 -15.17
C THR C 167 3.51 -33.57 -16.20
N VAL C 168 2.99 -34.74 -15.82
CA VAL C 168 2.89 -35.91 -16.68
C VAL C 168 1.43 -36.17 -17.02
N SER C 169 1.19 -36.65 -18.24
CA SER C 169 -0.14 -36.93 -18.75
C SER C 169 -0.03 -38.05 -19.78
N TRP C 170 -1.14 -38.75 -20.02
CA TRP C 170 -1.15 -39.86 -20.97
C TRP C 170 -2.24 -39.66 -22.02
N ASN C 171 -1.87 -39.81 -23.30
CA ASN C 171 -2.78 -39.64 -24.44
C ASN C 171 -3.56 -38.33 -24.33
N SER C 172 -2.82 -37.24 -24.10
CA SER C 172 -3.40 -35.90 -23.96
C SER C 172 -4.55 -35.89 -22.94
N GLY C 173 -4.36 -36.65 -21.85
CA GLY C 173 -5.34 -36.67 -20.80
C GLY C 173 -6.51 -37.60 -21.01
N ALA C 174 -6.55 -38.33 -22.13
CA ALA C 174 -7.65 -39.24 -22.43
C ALA C 174 -7.53 -40.57 -21.73
N LEU C 175 -6.42 -40.85 -21.06
CA LEU C 175 -6.27 -42.09 -20.31
C LEU C 175 -5.96 -41.75 -18.86
N THR C 176 -6.86 -42.14 -17.95
CA THR C 176 -6.65 -41.86 -16.53
C THR C 176 -6.82 -43.08 -15.63
N SER C 177 -7.57 -44.11 -16.05
CA SER C 177 -7.71 -45.29 -15.21
C SER C 177 -6.40 -46.06 -15.27
N GLY C 178 -5.86 -46.37 -14.11
CA GLY C 178 -4.64 -47.14 -14.00
C GLY C 178 -3.38 -46.32 -13.84
N VAL C 179 -3.43 -44.97 -14.03
CA VAL C 179 -2.21 -44.15 -14.05
C VAL C 179 -1.72 -43.90 -12.63
N HIS C 180 -0.41 -44.00 -12.46
CA HIS C 180 0.22 -43.63 -11.16
C HIS C 180 1.51 -42.87 -11.48
N THR C 181 1.47 -41.55 -11.52
CA THR C 181 2.72 -40.75 -11.62
C THR C 181 3.30 -40.61 -10.21
N PHE C 182 4.59 -40.89 -10.04
CA PHE C 182 5.18 -40.91 -8.68
C PHE C 182 5.82 -39.59 -8.32
N PRO C 183 5.80 -39.20 -7.03
CA PRO C 183 6.51 -38.00 -6.57
C PRO C 183 7.98 -38.06 -6.93
N ALA C 184 8.56 -36.90 -7.20
CA ALA C 184 9.95 -36.83 -7.62
C ALA C 184 10.93 -37.06 -6.46
N VAL C 185 12.13 -37.51 -6.80
CA VAL C 185 13.18 -37.70 -5.81
C VAL C 185 14.40 -36.93 -6.30
N LEU C 186 15.17 -36.43 -5.34
CA LEU C 186 16.33 -35.59 -5.64
C LEU C 186 17.57 -36.48 -5.55
N GLN C 187 18.21 -36.72 -6.68
CA GLN C 187 19.35 -37.62 -6.69
C GLN C 187 20.55 -36.97 -6.03
N SER C 188 21.58 -37.80 -5.80
CA SER C 188 22.83 -37.29 -5.27
C SER C 188 23.41 -36.20 -6.18
N SER C 189 23.12 -36.27 -7.48
CA SER C 189 23.63 -35.27 -8.42
C SER C 189 23.04 -33.88 -8.21
N GLY C 190 21.95 -33.74 -7.44
CA GLY C 190 21.23 -32.50 -7.35
C GLY C 190 20.18 -32.31 -8.42
N LEU C 191 20.04 -33.27 -9.33
CA LEU C 191 19.04 -33.25 -10.39
C LEU C 191 17.86 -34.12 -9.96
N TYR C 192 16.69 -33.89 -10.56
CA TYR C 192 15.48 -34.59 -10.14
C TYR C 192 15.16 -35.78 -11.05
N SER C 193 14.26 -36.63 -10.57
CA SER C 193 13.81 -37.80 -11.32
C SER C 193 12.42 -38.19 -10.87
N LEU C 194 11.61 -38.63 -11.83
CA LEU C 194 10.38 -39.31 -11.49
C LEU C 194 10.04 -40.29 -12.58
N SER C 195 9.02 -41.08 -12.32
CA SER C 195 8.47 -42.00 -13.29
C SER C 195 6.96 -41.86 -13.25
N SER C 196 6.33 -42.24 -14.35
CA SER C 196 4.85 -42.26 -14.40
C SER C 196 4.47 -43.58 -15.07
N VAL C 197 3.75 -44.45 -14.37
CA VAL C 197 3.45 -45.82 -14.86
C VAL C 197 1.97 -45.91 -15.19
N VAL C 198 1.59 -46.92 -15.97
CA VAL C 198 0.13 -47.15 -16.25
C VAL C 198 -0.12 -48.60 -16.67
N THR C 199 -1.12 -49.23 -16.08
CA THR C 199 -1.55 -50.58 -16.39
C THR C 199 -2.73 -50.59 -17.36
N VAL C 200 -2.64 -51.48 -18.35
CA VAL C 200 -3.55 -51.50 -19.49
C VAL C 200 -3.65 -52.95 -19.95
N PRO C 201 -4.74 -53.38 -20.59
CA PRO C 201 -4.80 -54.78 -21.08
C PRO C 201 -3.68 -55.08 -22.08
N SER C 202 -3.04 -56.25 -21.90
CA SER C 202 -2.02 -56.69 -22.85
C SER C 202 -2.61 -56.86 -24.24
N SER C 203 -3.93 -57.11 -24.31
CA SER C 203 -4.60 -57.33 -25.58
C SER C 203 -4.44 -56.12 -26.49
N SER C 204 -4.51 -54.92 -25.91
CA SER C 204 -4.41 -53.66 -26.65
C SER C 204 -2.98 -53.20 -26.93
N LEU C 205 -1.97 -53.92 -26.43
CA LEU C 205 -0.59 -53.46 -26.51
C LEU C 205 -0.18 -53.13 -27.94
N GLY C 206 -0.33 -54.10 -28.85
CA GLY C 206 0.05 -53.84 -30.23
C GLY C 206 -0.95 -53.02 -31.01
N THR C 207 -2.21 -53.01 -30.56
CA THR C 207 -3.29 -52.40 -31.33
C THR C 207 -3.49 -50.92 -31.03
N GLN C 208 -3.45 -50.53 -29.76
CA GLN C 208 -3.70 -49.15 -29.32
C GLN C 208 -2.37 -48.46 -29.03
N THR C 209 -2.36 -47.14 -29.16
CA THR C 209 -1.15 -46.35 -29.02
C THR C 209 -1.17 -45.55 -27.73
N TYR C 210 -0.03 -45.55 -27.02
CA TYR C 210 0.09 -44.84 -25.75
C TYR C 210 1.27 -43.86 -25.82
N ILE C 211 0.96 -42.56 -25.70
CA ILE C 211 1.96 -41.49 -25.67
C ILE C 211 1.85 -40.79 -24.32
N CYS C 212 2.98 -40.63 -23.63
CA CYS C 212 3.00 -39.80 -22.42
C CYS C 212 3.48 -38.39 -22.74
N ASN C 213 2.85 -37.41 -22.11
CA ASN C 213 3.10 -35.99 -22.36
C ASN C 213 3.70 -35.39 -21.09
N VAL C 214 4.96 -34.96 -21.17
CA VAL C 214 5.67 -34.42 -20.03
C VAL C 214 5.84 -32.92 -20.26
N ASN C 215 5.45 -32.13 -19.27
CA ASN C 215 5.54 -30.67 -19.33
C ASN C 215 6.50 -30.20 -18.25
N HIS C 216 7.49 -29.42 -18.64
CA HIS C 216 8.40 -28.79 -17.70
C HIS C 216 8.30 -27.29 -17.97
N LYS C 217 7.33 -26.62 -17.36
CA LYS C 217 7.24 -25.19 -17.57
C LYS C 217 8.51 -24.44 -17.17
N PRO C 218 9.27 -24.82 -16.14
CA PRO C 218 10.49 -24.07 -15.82
C PRO C 218 11.45 -23.89 -16.99
N SER C 219 11.46 -24.78 -17.98
CA SER C 219 12.31 -24.66 -19.16
C SER C 219 11.50 -24.53 -20.45
N ASN C 220 10.19 -24.26 -20.36
CA ASN C 220 9.31 -24.05 -21.54
C ASN C 220 9.34 -25.23 -22.53
N THR C 221 9.30 -26.47 -22.01
CA THR C 221 9.48 -27.66 -22.84
C THR C 221 8.33 -28.64 -22.67
N LYS C 222 7.90 -29.23 -23.78
CA LYS C 222 6.90 -30.28 -23.77
C LYS C 222 7.45 -31.49 -24.51
N VAL C 223 7.51 -32.65 -23.82
CA VAL C 223 8.05 -33.88 -24.40
C VAL C 223 6.92 -34.88 -24.52
N ASP C 224 6.76 -35.44 -25.70
CA ASP C 224 5.79 -36.50 -25.95
C ASP C 224 6.58 -37.73 -26.35
N LYS C 225 6.39 -38.83 -25.64
CA LYS C 225 7.06 -40.08 -25.96
C LYS C 225 6.01 -41.15 -26.22
N LYS C 226 6.03 -41.70 -27.45
CA LYS C 226 5.25 -42.88 -27.75
C LYS C 226 5.91 -44.09 -27.10
N VAL C 227 5.13 -44.88 -26.40
CA VAL C 227 5.65 -46.08 -25.75
C VAL C 227 5.16 -47.26 -26.55
N GLU C 228 6.10 -48.02 -27.10
CA GLU C 228 5.69 -49.14 -27.90
C GLU C 228 6.27 -50.41 -27.31
N PRO C 229 5.64 -51.56 -27.59
CA PRO C 229 6.18 -52.84 -27.16
C PRO C 229 7.63 -53.11 -27.59
N LYS C 230 8.31 -53.88 -26.74
CA LYS C 230 9.73 -54.21 -26.88
C LYS C 230 9.94 -55.31 -27.90
N ILE D 2 2.23 -18.09 21.49
CA ILE D 2 1.15 -19.05 21.65
C ILE D 2 1.27 -20.18 20.62
N GLN D 3 1.84 -21.31 21.04
CA GLN D 3 2.15 -22.45 20.17
C GLN D 3 1.07 -23.52 20.35
N MET D 4 1.02 -24.44 19.39
CA MET D 4 -0.08 -25.41 19.35
C MET D 4 0.47 -26.82 19.15
N THR D 5 0.52 -27.58 20.25
CA THR D 5 0.94 -28.96 20.19
C THR D 5 -0.24 -29.76 19.66
N GLN D 6 -0.03 -30.42 18.53
CA GLN D 6 -1.02 -31.27 17.93
C GLN D 6 -0.66 -32.73 18.22
N SER D 7 -1.67 -33.57 18.43
CA SER D 7 -1.43 -34.97 18.78
C SER D 7 -2.54 -35.88 18.27
N PRO D 8 -2.21 -37.03 17.65
CA PRO D 8 -0.85 -37.54 17.37
C PRO D 8 -0.20 -36.87 16.17
N SER D 9 1.06 -37.17 15.86
CA SER D 9 1.68 -36.66 14.64
C SER D 9 1.19 -37.42 13.41
N SER D 10 0.95 -38.71 13.56
CA SER D 10 0.37 -39.54 12.51
C SER D 10 -0.61 -40.50 13.16
N LEU D 11 -1.59 -40.98 12.40
CA LEU D 11 -2.44 -42.06 12.87
C LEU D 11 -2.97 -42.87 11.70
N SER D 12 -3.15 -44.15 11.95
CA SER D 12 -3.77 -45.06 11.00
C SER D 12 -5.11 -45.48 11.58
N ALA D 13 -6.16 -45.45 10.76
CA ALA D 13 -7.48 -45.85 11.19
C ALA D 13 -8.27 -46.40 9.99
N SER D 14 -9.28 -47.20 10.27
CA SER D 14 -10.01 -47.92 9.22
C SER D 14 -11.27 -47.17 8.81
N VAL D 15 -11.82 -47.56 7.65
CA VAL D 15 -13.04 -46.93 7.15
C VAL D 15 -14.16 -47.13 8.17
N GLY D 16 -14.85 -46.03 8.50
CA GLY D 16 -15.92 -46.09 9.47
C GLY D 16 -15.50 -45.86 10.89
N ASP D 17 -14.19 -45.81 11.16
CA ASP D 17 -13.71 -45.53 12.50
C ASP D 17 -13.98 -44.08 12.86
N ARG D 18 -14.04 -43.82 14.16
CA ARG D 18 -14.17 -42.46 14.65
C ARG D 18 -12.77 -41.96 14.96
N VAL D 19 -12.40 -40.84 14.38
CA VAL D 19 -11.07 -40.27 14.52
C VAL D 19 -11.17 -38.97 15.30
N THR D 20 -10.32 -38.81 16.32
CA THR D 20 -10.28 -37.59 17.10
C THR D 20 -8.85 -37.08 17.13
N ILE D 21 -8.61 -35.94 16.49
CA ILE D 21 -7.37 -35.18 16.62
C ILE D 21 -7.62 -34.07 17.61
N THR D 22 -6.69 -33.84 18.52
CA THR D 22 -6.85 -32.78 19.51
C THR D 22 -5.68 -31.82 19.32
N CYS D 23 -5.96 -30.53 19.45
CA CYS D 23 -4.96 -29.49 19.40
C CYS D 23 -4.95 -28.76 20.75
N ARG D 24 -3.76 -28.52 21.29
CA ARG D 24 -3.60 -27.98 22.63
C ARG D 24 -3.05 -26.55 22.55
N ALA D 25 -3.88 -25.59 22.94
CA ALA D 25 -3.43 -24.22 23.00
C ALA D 25 -2.46 -24.00 24.18
N SER D 26 -1.38 -23.27 23.92
CA SER D 26 -0.40 -23.00 24.98
C SER D 26 -0.92 -21.98 25.99
N GLN D 27 -1.67 -20.98 25.52
CA GLN D 27 -2.32 -19.98 26.38
C GLN D 27 -3.85 -20.01 26.20
N SER D 28 -4.50 -18.99 26.76
CA SER D 28 -5.97 -18.93 26.78
C SER D 28 -6.39 -18.25 25.48
N VAL D 29 -7.05 -18.98 24.60
CA VAL D 29 -7.25 -18.51 23.24
C VAL D 29 -8.70 -18.36 22.77
N SER D 30 -9.63 -18.17 23.69
CA SER D 30 -11.09 -18.03 23.43
C SER D 30 -11.56 -19.22 22.58
N SER D 31 -12.37 -18.99 21.53
CA SER D 31 -12.78 -20.03 20.59
C SER D 31 -12.21 -19.82 19.20
N ALA D 32 -11.16 -19.00 19.06
CA ALA D 32 -10.65 -18.70 17.72
C ALA D 32 -9.71 -19.83 17.27
N VAL D 33 -10.30 -20.95 16.87
CA VAL D 33 -9.55 -22.09 16.36
C VAL D 33 -10.25 -22.58 15.10
N ALA D 34 -9.46 -22.87 14.06
CA ALA D 34 -9.96 -23.34 12.78
C ALA D 34 -9.29 -24.66 12.41
N TRP D 35 -9.97 -25.46 11.59
CA TRP D 35 -9.43 -26.75 11.17
C TRP D 35 -9.32 -26.82 9.66
N TYR D 36 -8.22 -27.40 9.19
CA TYR D 36 -7.99 -27.55 7.76
C TYR D 36 -7.57 -28.99 7.47
N GLN D 37 -8.00 -29.48 6.30
CA GLN D 37 -7.53 -30.73 5.73
C GLN D 37 -6.71 -30.40 4.49
N GLN D 38 -5.47 -30.90 4.41
CA GLN D 38 -4.63 -30.69 3.24
C GLN D 38 -4.29 -32.02 2.61
N LYS D 39 -4.71 -32.23 1.37
CA LYS D 39 -4.23 -33.41 0.64
C LYS D 39 -2.88 -33.10 -0.01
N PRO D 40 -2.04 -34.13 -0.22
CA PRO D 40 -0.63 -33.86 -0.58
C PRO D 40 -0.47 -32.95 -1.78
N GLY D 41 0.34 -31.90 -1.58
CA GLY D 41 0.71 -30.96 -2.62
C GLY D 41 -0.42 -30.11 -3.13
N LYS D 42 -1.51 -30.00 -2.38
CA LYS D 42 -2.66 -29.19 -2.76
C LYS D 42 -2.94 -28.16 -1.67
N ALA D 43 -3.77 -27.21 -1.98
CA ALA D 43 -4.02 -26.19 -0.98
C ALA D 43 -4.96 -26.69 0.11
N PRO D 44 -4.75 -26.27 1.35
CA PRO D 44 -5.62 -26.73 2.46
C PRO D 44 -7.05 -26.25 2.29
N LYS D 45 -7.98 -27.06 2.79
CA LYS D 45 -9.40 -26.75 2.78
C LYS D 45 -9.88 -26.49 4.20
N LEU D 46 -10.60 -25.39 4.39
CA LEU D 46 -11.15 -25.09 5.70
C LEU D 46 -12.30 -26.06 5.95
N LEU D 47 -12.32 -26.67 7.13
CA LEU D 47 -13.40 -27.54 7.56
C LEU D 47 -14.23 -26.94 8.67
N ILE D 48 -13.57 -26.42 9.70
CA ILE D 48 -14.23 -25.89 10.88
C ILE D 48 -13.62 -24.53 11.18
N TYR D 49 -14.46 -23.57 11.53
CA TYR D 49 -14.01 -22.28 12.05
C TYR D 49 -14.82 -21.99 13.30
N SER D 50 -14.33 -21.03 14.11
CA SER D 50 -14.89 -20.75 15.44
C SER D 50 -14.97 -22.01 16.29
N ALA D 51 -14.02 -22.92 16.09
CA ALA D 51 -13.83 -24.12 16.90
C ALA D 51 -14.94 -25.16 16.73
N SER D 52 -16.09 -24.72 16.21
CA SER D 52 -17.28 -25.56 16.22
C SER D 52 -18.13 -25.46 14.98
N SER D 53 -17.95 -24.46 14.12
CA SER D 53 -18.88 -24.22 13.04
C SER D 53 -18.36 -24.87 11.76
N LEU D 54 -19.21 -25.70 11.17
CA LEU D 54 -18.90 -26.48 9.98
C LEU D 54 -18.99 -25.57 8.78
N TYR D 55 -17.88 -25.37 8.08
CA TYR D 55 -17.88 -24.58 6.87
C TYR D 55 -18.83 -25.17 5.84
N SER D 56 -19.55 -24.29 5.14
CA SER D 56 -20.53 -24.74 4.17
C SER D 56 -19.88 -25.61 3.10
N GLY D 57 -20.52 -26.75 2.78
CA GLY D 57 -20.03 -27.71 1.81
C GLY D 57 -19.27 -28.89 2.39
N VAL D 58 -18.78 -28.75 3.63
CA VAL D 58 -17.98 -29.79 4.27
C VAL D 58 -18.92 -30.85 4.83
N PRO D 59 -18.67 -32.15 4.58
CA PRO D 59 -19.57 -33.20 5.09
C PRO D 59 -19.71 -33.14 6.60
N SER D 60 -20.88 -33.56 7.08
CA SER D 60 -21.24 -33.52 8.50
C SER D 60 -20.42 -34.49 9.35
N ARG D 61 -19.67 -35.41 8.74
CA ARG D 61 -18.89 -36.31 9.55
C ARG D 61 -17.76 -35.59 10.26
N PHE D 62 -17.46 -34.36 9.85
CA PHE D 62 -16.46 -33.54 10.52
C PHE D 62 -17.17 -32.65 11.54
N SER D 63 -16.60 -32.56 12.73
CA SER D 63 -17.15 -31.72 13.79
C SER D 63 -16.00 -31.21 14.65
N GLY D 64 -16.22 -30.07 15.29
CA GLY D 64 -15.22 -29.48 16.17
C GLY D 64 -15.80 -29.29 17.56
N SER D 65 -14.92 -29.30 18.55
CA SER D 65 -15.41 -29.11 19.91
C SER D 65 -14.30 -28.51 20.77
N ARG D 66 -14.72 -28.00 21.94
CA ARG D 66 -13.83 -27.36 22.90
C ARG D 66 -13.93 -28.14 24.21
N SER D 67 -12.78 -28.34 24.86
CA SER D 67 -12.71 -29.05 26.15
C SER D 67 -11.77 -28.29 27.08
N GLY D 68 -12.07 -27.03 27.33
CA GLY D 68 -11.19 -26.19 28.14
C GLY D 68 -10.14 -25.52 27.26
N THR D 69 -8.86 -25.78 27.57
CA THR D 69 -7.76 -25.27 26.76
C THR D 69 -7.44 -26.15 25.55
N ASP D 70 -8.28 -27.17 25.28
CA ASP D 70 -7.98 -28.20 24.28
C ASP D 70 -9.13 -28.31 23.29
N PHE D 71 -8.82 -28.17 22.00
CA PHE D 71 -9.80 -28.23 20.91
C PHE D 71 -9.63 -29.52 20.12
N THR D 72 -10.73 -30.13 19.70
CA THR D 72 -10.66 -31.41 18.99
C THR D 72 -11.46 -31.38 17.68
N LEU D 73 -10.91 -32.06 16.68
CA LEU D 73 -11.57 -32.34 15.41
C LEU D 73 -12.01 -33.82 15.40
N THR D 74 -13.23 -34.07 14.96
CA THR D 74 -13.76 -35.41 14.98
C THR D 74 -14.29 -35.76 13.61
N ILE D 75 -13.93 -36.95 13.14
CA ILE D 75 -14.50 -37.57 11.96
C ILE D 75 -15.30 -38.73 12.47
N SER D 76 -16.63 -38.67 12.31
CA SER D 76 -17.47 -39.68 12.97
C SER D 76 -17.33 -41.05 12.30
N SER D 77 -17.14 -41.09 10.97
CA SER D 77 -16.87 -42.35 10.25
C SER D 77 -15.88 -42.06 9.13
N LEU D 78 -14.66 -42.58 9.27
CA LEU D 78 -13.62 -42.29 8.32
C LEU D 78 -14.01 -42.75 6.92
N GLN D 79 -13.68 -41.93 5.94
CA GLN D 79 -13.90 -42.30 4.55
C GLN D 79 -12.55 -42.49 3.84
N PRO D 80 -12.48 -43.32 2.80
CA PRO D 80 -11.19 -43.53 2.14
C PRO D 80 -10.62 -42.24 1.57
N GLU D 81 -11.48 -41.29 1.17
CA GLU D 81 -11.04 -39.99 0.67
C GLU D 81 -10.57 -39.06 1.78
N ASP D 82 -10.62 -39.47 3.03
CA ASP D 82 -10.30 -38.56 4.14
C ASP D 82 -8.83 -38.57 4.51
N PHE D 83 -8.01 -39.40 3.88
CA PHE D 83 -6.58 -39.35 4.18
C PHE D 83 -6.02 -37.98 3.78
N ALA D 84 -5.30 -37.37 4.69
CA ALA D 84 -4.78 -36.01 4.49
C ALA D 84 -3.88 -35.70 5.67
N THR D 85 -3.44 -34.45 5.76
CA THR D 85 -2.84 -33.93 6.96
C THR D 85 -3.77 -32.84 7.46
N TYR D 86 -4.13 -32.89 8.74
CA TYR D 86 -5.07 -31.93 9.31
C TYR D 86 -4.33 -30.97 10.23
N TYR D 87 -4.64 -29.67 10.11
CA TYR D 87 -3.97 -28.61 10.86
C TYR D 87 -4.98 -27.79 11.67
N CYS D 88 -4.64 -27.50 12.93
CA CYS D 88 -5.31 -26.45 13.68
C CYS D 88 -4.57 -25.13 13.52
N GLN D 89 -5.34 -24.05 13.59
CA GLN D 89 -4.76 -22.68 13.53
C GLN D 89 -5.42 -21.89 14.64
N GLN D 90 -4.64 -21.13 15.39
CA GLN D 90 -5.22 -20.27 16.45
C GLN D 90 -5.00 -18.81 16.07
N GLY D 91 -6.06 -18.00 16.07
CA GLY D 91 -5.94 -16.57 15.77
C GLY D 91 -5.37 -15.83 16.94
N SER D 92 -4.06 -15.90 17.12
CA SER D 92 -3.47 -15.29 18.29
C SER D 92 -2.60 -14.11 17.92
N ALA D 93 -2.40 -13.85 16.60
CA ALA D 93 -1.50 -12.80 16.15
C ALA D 93 -0.14 -13.00 16.78
N PRO D 94 0.69 -13.90 16.25
CA PRO D 94 0.59 -14.47 14.91
C PRO D 94 -0.36 -15.65 14.77
N PHE D 95 -0.78 -15.88 13.52
CA PHE D 95 -1.64 -17.00 13.14
C PHE D 95 -0.85 -18.30 13.12
N THR D 96 -0.44 -18.81 14.27
CA THR D 96 0.38 -20.02 14.25
C THR D 96 -0.46 -21.25 13.95
N PHE D 97 0.11 -22.17 13.18
CA PHE D 97 -0.51 -23.45 12.85
C PHE D 97 0.07 -24.57 13.72
N GLY D 98 -0.73 -25.61 13.91
CA GLY D 98 -0.27 -26.79 14.59
C GLY D 98 0.67 -27.58 13.71
N GLN D 99 1.23 -28.64 14.30
CA GLN D 99 2.29 -29.38 13.66
C GLN D 99 1.80 -30.24 12.51
N GLY D 100 0.50 -30.47 12.41
CA GLY D 100 -0.04 -31.38 11.43
C GLY D 100 -0.39 -32.71 12.06
N THR D 101 -1.33 -33.41 11.43
CA THR D 101 -1.70 -34.76 11.86
C THR D 101 -1.96 -35.56 10.59
N LYS D 102 -1.01 -36.42 10.23
CA LYS D 102 -1.16 -37.25 9.04
C LYS D 102 -2.12 -38.38 9.37
N VAL D 103 -3.22 -38.47 8.62
CA VAL D 103 -4.24 -39.48 8.80
C VAL D 103 -4.09 -40.50 7.67
N GLU D 104 -3.74 -41.73 8.01
CA GLU D 104 -3.62 -42.81 7.04
C GLU D 104 -4.79 -43.79 7.19
N ILE D 105 -5.21 -44.35 6.06
CA ILE D 105 -6.36 -45.24 6.04
C ILE D 105 -5.81 -46.65 6.08
N LYS D 106 -6.44 -47.48 6.88
CA LYS D 106 -6.02 -48.85 7.13
C LYS D 106 -7.06 -49.82 6.57
N ARG D 107 -6.59 -50.89 5.96
CA ARG D 107 -7.48 -51.90 5.40
C ARG D 107 -6.78 -53.25 5.38
N THR D 108 -7.37 -54.21 4.69
CA THR D 108 -6.79 -55.53 4.55
C THR D 108 -5.49 -55.45 3.75
N VAL D 109 -4.61 -56.43 3.97
CA VAL D 109 -3.39 -56.53 3.19
C VAL D 109 -3.69 -56.84 1.72
N ALA D 110 -2.88 -56.27 0.85
CA ALA D 110 -2.99 -56.49 -0.58
C ALA D 110 -1.61 -56.81 -1.12
N ALA D 111 -1.51 -57.89 -1.88
CA ALA D 111 -0.29 -58.24 -2.53
C ALA D 111 0.06 -57.17 -3.56
N PRO D 112 1.33 -56.83 -3.72
CA PRO D 112 1.71 -55.96 -4.85
C PRO D 112 1.79 -56.75 -6.15
N SER D 113 1.27 -56.15 -7.22
CA SER D 113 1.63 -56.62 -8.55
C SER D 113 3.00 -56.05 -8.86
N VAL D 114 3.97 -56.90 -9.21
CA VAL D 114 5.36 -56.52 -9.32
C VAL D 114 5.80 -56.64 -10.77
N PHE D 115 6.39 -55.54 -11.29
CA PHE D 115 6.92 -55.49 -12.65
C PHE D 115 8.35 -54.99 -12.64
N ILE D 116 9.14 -55.45 -13.61
CA ILE D 116 10.50 -54.99 -13.78
C ILE D 116 10.69 -54.44 -15.20
N PHE D 117 11.48 -53.38 -15.29
CA PHE D 117 11.66 -52.63 -16.54
C PHE D 117 13.15 -52.53 -16.82
N PRO D 118 13.63 -53.10 -17.92
CA PRO D 118 15.01 -52.94 -18.29
C PRO D 118 15.27 -51.52 -18.74
N PRO D 119 16.53 -51.07 -18.71
CA PRO D 119 16.83 -49.76 -19.26
C PRO D 119 16.44 -49.71 -20.71
N SER D 120 16.02 -48.51 -21.13
CA SER D 120 15.61 -48.31 -22.53
C SER D 120 16.87 -48.18 -23.38
N ASP D 121 16.74 -48.39 -24.69
CA ASP D 121 17.93 -48.27 -25.59
C ASP D 121 18.42 -46.81 -25.59
N GLU D 122 17.49 -45.86 -25.70
CA GLU D 122 17.87 -44.43 -25.74
C GLU D 122 18.75 -44.06 -24.54
N GLN D 123 18.43 -44.56 -23.36
CA GLN D 123 19.19 -44.14 -22.15
C GLN D 123 20.58 -44.77 -22.17
N LEU D 124 20.70 -45.90 -22.85
CA LEU D 124 22.00 -46.63 -22.84
C LEU D 124 23.01 -45.82 -23.63
N LYS D 125 22.55 -45.14 -24.68
CA LYS D 125 23.46 -44.29 -25.49
C LYS D 125 24.01 -43.14 -24.64
N SER D 126 23.36 -42.82 -23.52
CA SER D 126 23.78 -41.64 -22.71
C SER D 126 24.86 -42.01 -21.69
N GLY D 127 25.19 -43.29 -21.58
CA GLY D 127 26.22 -43.74 -20.64
C GLY D 127 25.75 -44.09 -19.25
N THR D 128 24.44 -44.23 -19.03
CA THR D 128 23.91 -44.55 -17.71
C THR D 128 22.62 -45.33 -17.88
N ALA D 129 22.42 -46.37 -17.06
CA ALA D 129 21.24 -47.22 -17.15
C ALA D 129 20.37 -47.08 -15.91
N SER D 130 19.06 -46.97 -16.12
CA SER D 130 18.08 -46.92 -15.03
C SER D 130 17.14 -48.12 -15.19
N VAL D 131 17.30 -49.12 -14.36
CA VAL D 131 16.32 -50.20 -14.30
C VAL D 131 15.42 -49.93 -13.12
N VAL D 132 14.11 -49.93 -13.34
CA VAL D 132 13.16 -49.53 -12.32
C VAL D 132 12.21 -50.68 -12.09
N CYS D 133 11.81 -50.84 -10.83
CA CYS D 133 10.94 -51.89 -10.36
C CYS D 133 9.65 -51.28 -9.81
N LEU D 134 8.51 -51.74 -10.30
CA LEU D 134 7.20 -51.21 -9.94
C LEU D 134 6.48 -52.20 -9.03
N LEU D 135 6.03 -51.72 -7.87
CA LEU D 135 5.15 -52.46 -6.97
C LEU D 135 3.79 -51.76 -7.05
N ASN D 136 2.79 -52.45 -7.58
CA ASN D 136 1.53 -51.81 -7.93
C ASN D 136 0.40 -52.20 -6.97
N ASN D 137 -0.25 -51.19 -6.39
CA ASN D 137 -1.54 -51.32 -5.70
C ASN D 137 -1.49 -52.31 -4.54
N PHE D 138 -0.67 -52.00 -3.54
CA PHE D 138 -0.43 -52.89 -2.41
C PHE D 138 -0.70 -52.19 -1.07
N TYR D 139 -0.71 -53.00 0.03
CA TYR D 139 -0.92 -52.60 1.42
C TYR D 139 -0.42 -53.68 2.38
N PRO D 140 0.41 -53.34 3.40
CA PRO D 140 0.84 -52.01 3.88
C PRO D 140 2.01 -51.41 3.11
N ARG D 141 2.34 -50.15 3.44
CA ARG D 141 3.37 -49.42 2.71
C ARG D 141 4.75 -50.04 2.90
N GLU D 142 5.01 -50.57 4.10
CA GLU D 142 6.34 -51.07 4.45
C GLU D 142 6.63 -52.33 3.65
N ALA D 143 7.62 -52.23 2.76
CA ALA D 143 8.05 -53.37 1.96
C ALA D 143 9.56 -53.33 1.79
N LYS D 144 10.20 -54.49 1.86
CA LYS D 144 11.64 -54.60 1.64
C LYS D 144 11.84 -54.84 0.15
N VAL D 145 12.39 -53.85 -0.54
CA VAL D 145 12.73 -54.01 -1.94
C VAL D 145 14.25 -54.08 -2.04
N SER D 146 14.74 -55.22 -2.51
CA SER D 146 16.16 -55.49 -2.64
C SER D 146 16.47 -55.69 -4.11
N TRP D 147 17.61 -55.16 -4.55
CA TRP D 147 18.07 -55.31 -5.93
C TRP D 147 19.23 -56.31 -5.99
N TYR D 148 19.19 -57.17 -6.99
CA TYR D 148 20.22 -58.18 -7.22
C TYR D 148 20.69 -58.07 -8.66
N VAL D 149 22.00 -58.04 -8.86
CA VAL D 149 22.62 -58.02 -10.17
C VAL D 149 23.57 -59.21 -10.21
N ASP D 150 23.23 -60.22 -11.02
CA ASP D 150 23.94 -61.49 -11.01
C ASP D 150 24.01 -62.08 -9.59
N ASN D 151 22.88 -61.95 -8.87
CA ASN D 151 22.69 -62.45 -7.50
C ASN D 151 23.60 -61.76 -6.47
N ALA D 152 24.07 -60.55 -6.78
CA ALA D 152 24.78 -59.73 -5.81
C ALA D 152 23.84 -58.65 -5.27
N LEU D 153 23.64 -58.63 -3.96
CA LEU D 153 22.82 -57.59 -3.37
C LEU D 153 23.44 -56.21 -3.61
N GLN D 154 22.64 -55.31 -4.16
CA GLN D 154 23.06 -53.94 -4.42
C GLN D 154 22.40 -53.06 -3.38
N SER D 155 23.16 -52.10 -2.85
CA SER D 155 22.64 -51.19 -1.84
C SER D 155 23.19 -49.80 -2.07
N GLY D 156 22.35 -48.78 -1.89
CA GLY D 156 22.79 -47.41 -1.98
C GLY D 156 22.74 -46.79 -3.37
N ASN D 157 22.43 -47.57 -4.39
CA ASN D 157 22.35 -47.08 -5.76
C ASN D 157 20.95 -47.30 -6.29
N SER D 158 20.00 -47.35 -5.37
CA SER D 158 18.58 -47.35 -5.67
C SER D 158 17.95 -46.22 -4.87
N GLN D 159 16.82 -45.73 -5.37
CA GLN D 159 16.05 -44.67 -4.73
C GLN D 159 14.60 -45.08 -4.80
N GLU D 160 13.88 -44.95 -3.70
CA GLU D 160 12.48 -45.37 -3.64
C GLU D 160 11.57 -44.15 -3.68
N SER D 161 10.44 -44.31 -4.35
CA SER D 161 9.40 -43.29 -4.38
C SER D 161 8.04 -43.95 -4.20
N VAL D 162 7.19 -43.35 -3.39
CA VAL D 162 5.87 -43.90 -3.09
C VAL D 162 4.76 -42.95 -3.48
N THR D 163 3.68 -43.54 -3.95
CA THR D 163 2.49 -42.83 -4.40
C THR D 163 1.59 -42.61 -3.17
N GLU D 164 0.59 -41.75 -3.29
CA GLU D 164 -0.33 -41.56 -2.17
C GLU D 164 -1.46 -42.57 -2.25
N GLN D 165 -2.23 -42.69 -1.17
CA GLN D 165 -3.30 -43.70 -1.10
C GLN D 165 -4.37 -43.42 -2.15
N ASP D 166 -4.77 -44.48 -2.86
CA ASP D 166 -5.90 -44.35 -3.76
C ASP D 166 -7.12 -43.94 -2.96
N SER D 167 -7.89 -43.00 -3.52
CA SER D 167 -8.99 -42.44 -2.76
C SER D 167 -10.22 -43.33 -2.80
N LYS D 168 -10.13 -44.45 -3.51
CA LYS D 168 -11.21 -45.42 -3.55
C LYS D 168 -10.85 -46.72 -2.82
N ASP D 169 -9.65 -47.30 -3.04
CA ASP D 169 -9.28 -48.58 -2.43
C ASP D 169 -8.14 -48.48 -1.40
N SER D 170 -7.60 -47.29 -1.13
CA SER D 170 -6.59 -47.05 -0.08
C SER D 170 -5.27 -47.81 -0.28
N THR D 171 -4.92 -48.27 -1.49
CA THR D 171 -3.62 -48.91 -1.71
C THR D 171 -2.56 -47.87 -2.08
N TYR D 172 -1.31 -48.31 -2.04
CA TYR D 172 -0.14 -47.57 -2.47
C TYR D 172 0.45 -48.25 -3.69
N SER D 173 1.39 -47.54 -4.33
CA SER D 173 2.28 -48.08 -5.35
C SER D 173 3.67 -47.53 -5.04
N LEU D 174 4.71 -48.29 -5.41
CA LEU D 174 6.07 -47.91 -5.09
C LEU D 174 6.99 -48.21 -6.27
N SER D 175 7.93 -47.30 -6.51
CA SER D 175 8.96 -47.44 -7.54
C SER D 175 10.33 -47.49 -6.88
N SER D 176 11.18 -48.39 -7.37
CA SER D 176 12.58 -48.46 -6.98
C SER D 176 13.41 -48.28 -8.23
N THR D 177 14.37 -47.36 -8.18
CA THR D 177 15.17 -47.05 -9.36
C THR D 177 16.60 -47.43 -9.08
N LEU D 178 17.09 -48.45 -9.77
CA LEU D 178 18.49 -48.83 -9.70
C LEU D 178 19.22 -48.13 -10.84
N THR D 179 20.22 -47.33 -10.49
CA THR D 179 20.93 -46.50 -11.44
C THR D 179 22.36 -46.99 -11.49
N LEU D 180 22.86 -47.25 -12.71
CA LEU D 180 24.19 -47.81 -12.93
C LEU D 180 24.84 -47.13 -14.13
N SER D 181 26.17 -47.22 -14.19
CA SER D 181 26.87 -46.84 -15.39
C SER D 181 26.53 -47.81 -16.52
N LYS D 182 26.57 -47.31 -17.76
CA LYS D 182 26.41 -48.19 -18.92
C LYS D 182 27.41 -49.34 -18.87
N ALA D 183 28.64 -49.03 -18.50
CA ALA D 183 29.68 -50.06 -18.39
C ALA D 183 29.25 -51.18 -17.46
N ASP D 184 28.69 -50.82 -16.30
CA ASP D 184 28.31 -51.83 -15.32
C ASP D 184 27.10 -52.67 -15.76
N TYR D 185 26.05 -52.02 -16.30
CA TYR D 185 24.91 -52.79 -16.80
C TYR D 185 25.31 -53.73 -17.93
N GLU D 186 26.22 -53.28 -18.80
CA GLU D 186 26.54 -54.04 -19.99
C GLU D 186 27.41 -55.26 -19.74
N LYS D 187 28.00 -55.40 -18.55
CA LYS D 187 28.83 -56.58 -18.26
C LYS D 187 28.15 -57.60 -17.34
N HIS D 188 26.88 -57.40 -16.97
CA HIS D 188 26.16 -58.34 -16.14
C HIS D 188 24.89 -58.79 -16.85
N LYS D 189 24.40 -59.98 -16.48
CA LYS D 189 23.34 -60.66 -17.23
C LYS D 189 21.99 -60.63 -16.53
N VAL D 190 21.98 -60.98 -15.24
CA VAL D 190 20.74 -61.28 -14.51
C VAL D 190 20.46 -60.15 -13.55
N TYR D 191 19.32 -59.50 -13.72
CA TYR D 191 18.89 -58.39 -12.88
C TYR D 191 17.60 -58.77 -12.18
N ALA D 192 17.52 -58.51 -10.88
CA ALA D 192 16.40 -58.97 -10.10
C ALA D 192 15.97 -57.94 -9.08
N CYS D 193 14.66 -57.79 -8.94
CA CYS D 193 14.04 -56.99 -7.91
C CYS D 193 13.34 -57.96 -6.95
N GLU D 194 13.61 -57.83 -5.65
CA GLU D 194 13.05 -58.69 -4.61
C GLU D 194 12.20 -57.88 -3.64
N VAL D 195 10.92 -58.23 -3.53
CA VAL D 195 9.98 -57.56 -2.64
C VAL D 195 9.64 -58.51 -1.50
N THR D 196 9.86 -58.06 -0.27
CA THR D 196 9.52 -58.85 0.90
C THR D 196 8.39 -58.15 1.62
N GLN D 197 7.39 -58.94 2.02
CA GLN D 197 6.23 -58.44 2.75
C GLN D 197 5.77 -59.59 3.64
N GLY D 198 5.94 -59.44 4.95
CA GLY D 198 5.51 -60.45 5.89
C GLY D 198 6.28 -61.75 5.77
N THR D 199 5.57 -62.84 5.56
CA THR D 199 6.20 -64.13 5.32
C THR D 199 6.33 -64.43 3.82
N THR D 200 6.55 -63.42 2.99
CA THR D 200 6.57 -63.65 1.55
C THR D 200 7.61 -62.76 0.88
N SER D 201 8.44 -63.35 0.03
CA SER D 201 9.28 -62.60 -0.89
C SER D 201 8.90 -62.94 -2.32
N VAL D 202 8.76 -61.92 -3.16
CA VAL D 202 8.53 -62.11 -4.59
C VAL D 202 9.68 -61.48 -5.36
N THR D 203 10.18 -62.19 -6.36
CA THR D 203 11.30 -61.72 -7.18
C THR D 203 10.88 -61.72 -8.65
N LYS D 204 11.12 -60.60 -9.32
CA LYS D 204 10.96 -60.47 -10.76
C LYS D 204 12.35 -60.36 -11.38
N SER D 205 12.51 -60.86 -12.61
CA SER D 205 13.84 -60.88 -13.21
C SER D 205 13.79 -60.65 -14.71
N PHE D 206 14.94 -60.33 -15.28
CA PHE D 206 15.08 -60.33 -16.72
C PHE D 206 16.54 -60.60 -17.06
N ASN D 207 16.76 -61.10 -18.28
CA ASN D 207 18.08 -61.17 -18.91
C ASN D 207 18.12 -60.31 -20.17
N ARG D 208 19.24 -59.62 -20.39
CA ARG D 208 19.40 -58.85 -21.62
C ARG D 208 19.22 -59.72 -22.86
N GLY D 209 18.53 -59.16 -23.87
CA GLY D 209 18.02 -59.99 -24.96
C GLY D 209 16.72 -60.64 -24.52
N GLU D 210 16.28 -61.64 -25.29
CA GLU D 210 15.04 -62.39 -24.97
C GLU D 210 13.81 -61.50 -24.71
CL CL E . -10.37 3.04 9.33
CL CL F . -2.23 53.31 14.83
NA NA G . 0.01 38.84 7.99
CL CL H . -1.68 25.77 -19.68
CL CL I . 7.14 14.81 3.45
CL CL J . -7.60 65.48 -6.37
CL CL K . -18.76 -11.84 6.22
CL CL L . -15.12 -11.92 2.27
CL CL M . -13.72 -43.58 19.64
NA NA N . -18.51 -35.51 13.54
#